data_2YZM
#
_entry.id   2YZM
#
_cell.length_a   166.705
_cell.length_b   55.849
_cell.length_c   141.387
_cell.angle_alpha   90.00
_cell.angle_beta   109.34
_cell.angle_gamma   90.00
#
_symmetry.space_group_name_H-M   'C 1 2 1'
#
loop_
_entity.id
_entity.type
_entity.pdbx_description
1 polymer 'D-alanine--D-alanine ligase'
2 non-polymer D-ALANINE
3 water water
#
_entity_poly.entity_id   1
_entity_poly.type   'polypeptide(L)'
_entity_poly.pdbx_seq_one_letter_code
;MRVLLIAGGVSPEHEVSLLSAEGVLRHIPFPTDLAVIAQDGRWLLGEKALTALEAKAAPEGEHPFPPPLSWERYDVVFPL
LHGRFGEDGTVQGFLELLGKPYVGAGVAASALCMDKDLSKRVLAQAGVPVVPWVAVRKGEPPVVPFDPPFFVKPANTGSS
VGISRVERFQDLEAALALAFRYDEKAVVEKALSPVRELEVGVLGNVFGEASPVGEVRYEAPFYDYETKYTPGRAELLIPA
PLDPGTQETVQELALKAYKVLGVRGMARVDFFLAEGELYLNELNTIPGFTPTSMYPRLFEAGGVAYPELLRRLVELALT
;
_entity_poly.pdbx_strand_id   A,B,C
#
# COMPACT_ATOMS: atom_id res chain seq x y z
N MET A 1 4.72 -23.69 -18.28
CA MET A 1 4.42 -22.26 -18.57
C MET A 1 2.92 -22.02 -18.62
N ARG A 2 2.44 -21.18 -17.71
CA ARG A 2 1.01 -20.88 -17.69
C ARG A 2 0.81 -19.38 -17.90
N VAL A 3 -0.19 -19.04 -18.71
CA VAL A 3 -0.47 -17.65 -19.02
C VAL A 3 -1.84 -17.17 -18.51
N LEU A 4 -1.88 -15.95 -18.00
CA LEU A 4 -3.13 -15.38 -17.55
C LEU A 4 -3.53 -14.32 -18.56
N LEU A 5 -4.68 -14.53 -19.17
CA LEU A 5 -5.22 -13.58 -20.14
C LEU A 5 -6.26 -12.71 -19.45
N ILE A 6 -6.14 -11.38 -19.62
CA ILE A 6 -7.11 -10.47 -19.03
C ILE A 6 -7.79 -9.67 -20.13
N ALA A 7 -9.12 -9.73 -20.17
CA ALA A 7 -9.89 -9.02 -21.19
C ALA A 7 -11.19 -8.39 -20.68
N GLY A 8 -11.78 -7.55 -21.53
CA GLY A 8 -13.01 -6.86 -21.20
C GLY A 8 -12.74 -5.41 -20.83
N GLY A 9 -13.00 -5.05 -19.58
CA GLY A 9 -12.74 -3.70 -19.13
C GLY A 9 -13.99 -2.82 -19.10
N VAL A 10 -13.87 -1.66 -18.48
CA VAL A 10 -15.01 -0.75 -18.39
C VAL A 10 -15.10 0.21 -19.58
N SER A 11 -14.08 0.24 -20.43
CA SER A 11 -14.05 1.12 -21.60
C SER A 11 -15.07 0.68 -22.66
N PRO A 12 -15.30 1.54 -23.67
CA PRO A 12 -16.24 1.27 -24.76
C PRO A 12 -15.78 0.11 -25.65
N GLU A 13 -14.52 -0.28 -25.51
CA GLU A 13 -13.96 -1.36 -26.30
C GLU A 13 -14.06 -2.71 -25.59
N HIS A 14 -14.95 -2.78 -24.61
CA HIS A 14 -15.17 -4.01 -23.85
C HIS A 14 -15.39 -5.22 -24.74
N GLU A 15 -16.38 -5.12 -25.64
CA GLU A 15 -16.69 -6.24 -26.51
C GLU A 15 -15.57 -6.63 -27.47
N VAL A 16 -14.95 -5.65 -28.12
CA VAL A 16 -13.87 -5.99 -29.05
C VAL A 16 -12.73 -6.64 -28.27
N SER A 17 -12.56 -6.27 -27.01
CA SER A 17 -11.53 -6.87 -26.16
C SER A 17 -11.84 -8.35 -25.95
N LEU A 18 -13.11 -8.66 -25.69
CA LEU A 18 -13.51 -10.05 -25.49
C LEU A 18 -13.28 -10.84 -26.78
N LEU A 19 -13.67 -10.24 -27.91
CA LEU A 19 -13.48 -10.88 -29.21
C LEU A 19 -11.99 -11.24 -29.41
N SER A 20 -11.08 -10.36 -29.02
CA SER A 20 -9.66 -10.65 -29.14
C SER A 20 -9.26 -11.83 -28.25
N ALA A 21 -9.75 -11.83 -27.02
CA ALA A 21 -9.48 -12.87 -26.04
C ALA A 21 -9.89 -14.22 -26.61
N GLU A 22 -11.03 -14.23 -27.27
CA GLU A 22 -11.55 -15.45 -27.90
C GLU A 22 -10.48 -15.99 -28.85
N GLY A 23 -10.04 -15.14 -29.78
CA GLY A 23 -9.03 -15.53 -30.74
C GLY A 23 -7.73 -15.99 -30.10
N VAL A 24 -7.31 -15.31 -29.03
CA VAL A 24 -6.08 -15.67 -28.34
C VAL A 24 -6.20 -17.02 -27.63
N LEU A 25 -7.35 -17.24 -26.98
CA LEU A 25 -7.57 -18.50 -26.28
C LEU A 25 -7.57 -19.66 -27.25
N ARG A 26 -8.14 -19.45 -28.43
CA ARG A 26 -8.23 -20.50 -29.44
C ARG A 26 -6.90 -20.90 -30.08
N HIS A 27 -5.88 -20.05 -30.02
CA HIS A 27 -4.61 -20.37 -30.66
C HIS A 27 -3.33 -20.20 -29.86
N ILE A 28 -3.39 -19.66 -28.65
CA ILE A 28 -2.17 -19.50 -27.88
C ILE A 28 -1.58 -20.87 -27.57
N PRO A 29 -0.31 -21.09 -27.93
CA PRO A 29 0.38 -22.36 -27.72
C PRO A 29 0.87 -22.64 -26.29
N PHE A 30 0.12 -22.16 -25.30
CA PHE A 30 0.46 -22.38 -23.89
C PHE A 30 -0.80 -22.55 -23.07
N PRO A 31 -0.72 -23.27 -21.94
CA PRO A 31 -1.91 -23.44 -21.11
C PRO A 31 -2.27 -22.03 -20.63
N THR A 32 -3.51 -21.61 -20.92
CA THR A 32 -3.94 -20.27 -20.53
C THR A 32 -5.31 -20.20 -19.85
N ASP A 33 -5.41 -19.34 -18.84
CA ASP A 33 -6.67 -19.15 -18.12
C ASP A 33 -7.17 -17.74 -18.48
N LEU A 34 -8.48 -17.54 -18.37
CA LEU A 34 -9.07 -16.24 -18.66
C LEU A 34 -9.66 -15.57 -17.43
N ALA A 35 -9.44 -14.26 -17.34
CA ALA A 35 -9.97 -13.44 -16.27
C ALA A 35 -10.62 -12.28 -17.02
N VAL A 36 -11.84 -11.93 -16.63
CA VAL A 36 -12.58 -10.86 -17.29
C VAL A 36 -12.95 -9.72 -16.35
N ILE A 37 -12.83 -8.49 -16.86
CA ILE A 37 -13.22 -7.33 -16.09
C ILE A 37 -14.55 -6.92 -16.69
N ALA A 38 -15.61 -7.01 -15.89
CA ALA A 38 -16.94 -6.67 -16.37
C ALA A 38 -17.10 -5.17 -16.54
N GLN A 39 -18.08 -4.78 -17.34
CA GLN A 39 -18.34 -3.38 -17.61
C GLN A 39 -18.60 -2.58 -16.33
N ASP A 40 -18.99 -3.25 -15.25
CA ASP A 40 -19.23 -2.55 -14.00
C ASP A 40 -17.96 -2.45 -13.18
N GLY A 41 -16.85 -2.92 -13.73
CA GLY A 41 -15.58 -2.86 -13.02
C GLY A 41 -15.25 -4.07 -12.14
N ARG A 42 -16.22 -4.92 -11.87
CA ARG A 42 -15.98 -6.11 -11.05
C ARG A 42 -15.42 -7.20 -11.94
N TRP A 43 -14.66 -8.12 -11.35
CA TRP A 43 -14.06 -9.20 -12.12
C TRP A 43 -14.83 -10.51 -12.08
N LEU A 44 -14.59 -11.32 -13.11
CA LEU A 44 -15.16 -12.65 -13.28
C LEU A 44 -13.95 -13.55 -13.51
N LEU A 45 -13.90 -14.66 -12.78
CA LEU A 45 -12.81 -15.61 -12.90
C LEU A 45 -13.35 -16.99 -13.25
N GLY A 46 -12.44 -17.92 -13.49
CA GLY A 46 -12.83 -19.28 -13.81
C GLY A 46 -13.89 -19.45 -14.87
N GLU A 47 -14.78 -20.41 -14.63
CA GLU A 47 -15.84 -20.72 -15.58
C GLU A 47 -16.72 -19.51 -15.89
N LYS A 48 -16.88 -18.64 -14.90
CA LYS A 48 -17.70 -17.44 -15.08
C LYS A 48 -17.11 -16.53 -16.16
N ALA A 49 -15.78 -16.50 -16.25
CA ALA A 49 -15.09 -15.68 -17.23
C ALA A 49 -15.34 -16.27 -18.62
N LEU A 50 -15.16 -17.59 -18.75
CA LEU A 50 -15.37 -18.24 -20.03
C LEU A 50 -16.83 -18.09 -20.48
N THR A 51 -17.75 -18.18 -19.53
CA THR A 51 -19.18 -18.04 -19.85
C THR A 51 -19.47 -16.65 -20.40
N ALA A 52 -18.82 -15.63 -19.83
CA ALA A 52 -19.02 -14.26 -20.27
C ALA A 52 -18.48 -14.06 -21.68
N LEU A 53 -17.38 -14.74 -21.98
CA LEU A 53 -16.75 -14.67 -23.29
C LEU A 53 -17.74 -15.17 -24.32
N GLU A 54 -18.31 -16.33 -24.02
CA GLU A 54 -19.30 -16.95 -24.89
C GLU A 54 -20.47 -15.99 -25.14
N ALA A 55 -20.76 -15.15 -24.15
CA ALA A 55 -21.86 -14.20 -24.25
C ALA A 55 -21.52 -12.91 -24.99
N LYS A 56 -20.23 -12.67 -25.22
CA LYS A 56 -19.76 -11.48 -25.93
C LYS A 56 -19.86 -10.17 -25.13
N ALA A 57 -20.13 -10.27 -23.84
CA ALA A 57 -20.23 -9.09 -22.99
C ALA A 57 -20.47 -9.50 -21.54
N ALA A 58 -19.77 -8.85 -20.63
CA ALA A 58 -19.91 -9.13 -19.21
C ALA A 58 -20.29 -7.80 -18.55
N PRO A 59 -21.60 -7.55 -18.43
CA PRO A 59 -22.10 -6.31 -17.81
C PRO A 59 -21.80 -6.26 -16.33
N GLU A 60 -21.82 -7.42 -15.68
CA GLU A 60 -21.57 -7.46 -14.25
C GLU A 60 -20.61 -8.54 -13.82
N GLY A 61 -19.68 -8.16 -12.95
CA GLY A 61 -18.70 -9.10 -12.45
C GLY A 61 -19.10 -9.53 -11.05
N GLU A 62 -18.24 -10.30 -10.39
CA GLU A 62 -18.54 -10.75 -9.04
C GLU A 62 -17.59 -10.17 -8.00
N HIS A 63 -16.34 -9.95 -8.40
CA HIS A 63 -15.33 -9.46 -7.49
C HIS A 63 -14.82 -8.03 -7.70
N PRO A 64 -14.98 -7.17 -6.67
CA PRO A 64 -14.51 -5.79 -6.79
C PRO A 64 -12.97 -5.87 -6.85
N PHE A 65 -12.35 -4.93 -7.55
CA PHE A 65 -10.89 -4.91 -7.64
C PHE A 65 -10.34 -4.71 -6.24
N PRO A 66 -9.22 -5.35 -5.90
CA PRO A 66 -8.38 -6.26 -6.70
C PRO A 66 -8.93 -7.68 -6.64
N PRO A 67 -8.94 -8.38 -7.77
CA PRO A 67 -9.45 -9.75 -7.88
C PRO A 67 -8.70 -10.79 -7.06
N PRO A 68 -9.46 -11.72 -6.44
CA PRO A 68 -8.82 -12.77 -5.64
C PRO A 68 -8.26 -13.80 -6.63
N LEU A 69 -7.21 -13.42 -7.36
CA LEU A 69 -6.58 -14.28 -8.35
C LEU A 69 -5.29 -14.89 -7.83
N SER A 70 -5.05 -16.16 -8.13
CA SER A 70 -3.82 -16.80 -7.68
C SER A 70 -2.72 -16.46 -8.68
N TRP A 71 -2.20 -15.24 -8.56
CA TRP A 71 -1.16 -14.76 -9.45
C TRP A 71 0.08 -15.67 -9.54
N GLU A 72 0.42 -16.33 -8.43
CA GLU A 72 1.58 -17.21 -8.40
C GLU A 72 1.50 -18.37 -9.39
N ARG A 73 0.30 -18.68 -9.86
CA ARG A 73 0.14 -19.77 -10.81
C ARG A 73 0.53 -19.37 -12.24
N TYR A 74 0.73 -18.09 -12.49
CA TYR A 74 1.06 -17.65 -13.85
C TYR A 74 2.46 -17.10 -14.07
N ASP A 75 3.08 -17.53 -15.17
CA ASP A 75 4.42 -17.08 -15.52
C ASP A 75 4.36 -15.70 -16.15
N VAL A 76 3.38 -15.48 -17.01
CA VAL A 76 3.21 -14.17 -17.64
C VAL A 76 1.74 -13.80 -17.76
N VAL A 77 1.46 -12.51 -17.59
CA VAL A 77 0.10 -12.00 -17.71
C VAL A 77 0.01 -11.24 -19.03
N PHE A 78 -1.06 -11.51 -19.77
CA PHE A 78 -1.32 -10.88 -21.06
C PHE A 78 -2.55 -9.97 -20.93
N PRO A 79 -2.32 -8.67 -20.67
CA PRO A 79 -3.46 -7.77 -20.54
C PRO A 79 -4.00 -7.31 -21.89
N LEU A 80 -5.14 -7.85 -22.29
CA LEU A 80 -5.75 -7.50 -23.56
C LEU A 80 -6.94 -6.59 -23.33
N LEU A 81 -6.63 -5.40 -22.80
CA LEU A 81 -7.59 -4.37 -22.47
C LEU A 81 -7.23 -3.14 -23.30
N HIS A 82 -8.24 -2.41 -23.76
CA HIS A 82 -7.99 -1.24 -24.58
C HIS A 82 -8.30 0.08 -23.87
N GLY A 83 -7.60 1.13 -24.26
CA GLY A 83 -7.83 2.44 -23.66
C GLY A 83 -7.70 2.63 -22.15
N ARG A 84 -8.69 3.30 -21.57
CA ARG A 84 -8.73 3.58 -20.14
C ARG A 84 -8.64 2.27 -19.35
N PHE A 85 -7.72 2.22 -18.40
CA PHE A 85 -7.50 1.04 -17.58
C PHE A 85 -7.12 -0.16 -18.47
N GLY A 86 -6.51 0.14 -19.61
CA GLY A 86 -6.09 -0.91 -20.53
C GLY A 86 -4.71 -0.61 -21.11
N GLU A 87 -4.61 0.46 -21.89
CA GLU A 87 -3.34 0.87 -22.50
C GLU A 87 -2.74 2.10 -21.85
N ASP A 88 -3.33 2.56 -20.75
CA ASP A 88 -2.88 3.76 -20.08
C ASP A 88 -1.83 3.58 -18.99
N GLY A 89 -1.38 2.35 -18.77
CA GLY A 89 -0.36 2.11 -17.76
C GLY A 89 -0.85 1.77 -16.36
N THR A 90 -2.14 1.89 -16.10
CA THR A 90 -2.69 1.59 -14.78
C THR A 90 -2.59 0.10 -14.45
N VAL A 91 -3.07 -0.76 -15.35
CA VAL A 91 -2.99 -2.19 -15.09
C VAL A 91 -1.51 -2.63 -15.12
N GLN A 92 -0.72 -2.04 -16.03
CA GLN A 92 0.70 -2.36 -16.11
C GLN A 92 1.36 -2.09 -14.74
N GLY A 93 0.99 -0.97 -14.12
CA GLY A 93 1.55 -0.62 -12.83
C GLY A 93 1.17 -1.60 -11.74
N PHE A 94 -0.07 -2.08 -11.81
CA PHE A 94 -0.59 -3.04 -10.85
C PHE A 94 0.23 -4.32 -10.94
N LEU A 95 0.48 -4.76 -12.17
CA LEU A 95 1.26 -5.96 -12.43
C LEU A 95 2.73 -5.79 -12.00
N GLU A 96 3.24 -4.56 -12.09
CA GLU A 96 4.61 -4.28 -11.67
C GLU A 96 4.68 -4.52 -10.15
N LEU A 97 3.68 -4.00 -9.45
CA LEU A 97 3.59 -4.15 -8.00
C LEU A 97 3.45 -5.63 -7.60
N LEU A 98 2.73 -6.41 -8.40
CA LEU A 98 2.56 -7.83 -8.11
C LEU A 98 3.82 -8.60 -8.51
N GLY A 99 4.73 -7.92 -9.19
CA GLY A 99 5.97 -8.56 -9.64
C GLY A 99 5.74 -9.58 -10.75
N LYS A 100 4.71 -9.39 -11.56
CA LYS A 100 4.42 -10.34 -12.63
C LYS A 100 4.86 -9.86 -14.01
N PRO A 101 5.54 -10.73 -14.77
CA PRO A 101 5.97 -10.33 -16.11
C PRO A 101 4.70 -10.22 -16.94
N TYR A 102 4.64 -9.26 -17.84
CA TYR A 102 3.46 -9.11 -18.67
C TYR A 102 3.78 -8.68 -20.10
N VAL A 103 2.86 -9.01 -21.00
CA VAL A 103 2.99 -8.69 -22.42
C VAL A 103 2.73 -7.22 -22.70
N GLY A 104 3.45 -6.66 -23.67
CA GLY A 104 3.23 -5.27 -24.04
C GLY A 104 4.05 -4.18 -23.39
N ALA A 105 3.69 -2.94 -23.73
CA ALA A 105 4.37 -1.77 -23.22
C ALA A 105 4.33 -1.68 -21.70
N GLY A 106 5.39 -1.09 -21.13
CA GLY A 106 5.47 -0.89 -19.70
C GLY A 106 4.65 0.32 -19.29
N VAL A 107 4.79 0.73 -18.03
CA VAL A 107 4.04 1.86 -17.51
C VAL A 107 4.24 3.19 -18.23
N ALA A 108 5.49 3.65 -18.29
CA ALA A 108 5.82 4.92 -18.94
C ALA A 108 5.37 4.95 -20.41
N ALA A 109 5.81 3.95 -21.18
CA ALA A 109 5.47 3.86 -22.60
C ALA A 109 3.97 3.82 -22.87
N SER A 110 3.24 3.04 -22.07
CA SER A 110 1.79 2.94 -22.23
C SER A 110 1.12 4.29 -22.00
N ALA A 111 1.44 4.92 -20.87
CA ALA A 111 0.86 6.22 -20.51
C ALA A 111 1.20 7.30 -21.54
N LEU A 112 2.45 7.30 -21.98
CA LEU A 112 2.90 8.30 -22.95
C LEU A 112 2.20 8.10 -24.30
N CYS A 113 2.16 6.87 -24.78
CA CYS A 113 1.52 6.57 -26.06
C CYS A 113 0.01 6.85 -26.05
N MET A 114 -0.56 6.96 -24.86
CA MET A 114 -1.99 7.23 -24.73
C MET A 114 -2.28 8.74 -24.67
N ASP A 115 -1.22 9.53 -24.63
CA ASP A 115 -1.36 10.98 -24.59
C ASP A 115 -0.92 11.57 -25.94
N LYS A 116 -1.89 12.02 -26.73
CA LYS A 116 -1.62 12.58 -28.05
C LYS A 116 -0.67 13.77 -28.03
N ASP A 117 -0.72 14.55 -26.96
CA ASP A 117 0.16 15.70 -26.85
C ASP A 117 1.59 15.35 -26.46
N LEU A 118 1.75 14.65 -25.34
CA LEU A 118 3.07 14.27 -24.86
C LEU A 118 3.84 13.30 -25.76
N SER A 119 3.16 12.35 -26.39
CA SER A 119 3.87 11.43 -27.27
C SER A 119 4.33 12.14 -28.56
N LYS A 120 3.59 13.14 -29.00
CA LYS A 120 3.99 13.88 -30.19
C LYS A 120 5.20 14.74 -29.85
N ARG A 121 5.17 15.37 -28.68
CA ARG A 121 6.29 16.22 -28.25
C ARG A 121 7.58 15.39 -28.28
N VAL A 122 7.50 14.16 -27.77
CA VAL A 122 8.64 13.26 -27.74
C VAL A 122 9.07 12.87 -29.15
N LEU A 123 8.11 12.48 -29.98
CA LEU A 123 8.42 12.08 -31.34
C LEU A 123 9.03 13.23 -32.15
N ALA A 124 8.48 14.42 -32.01
CA ALA A 124 8.98 15.59 -32.73
C ALA A 124 10.41 15.89 -32.29
N GLN A 125 10.67 15.72 -30.99
CA GLN A 125 11.99 15.97 -30.44
C GLN A 125 13.00 14.96 -31.00
N ALA A 126 12.52 13.79 -31.38
CA ALA A 126 13.38 12.75 -31.91
C ALA A 126 13.49 12.78 -33.43
N GLY A 127 12.90 13.79 -34.07
CA GLY A 127 12.98 13.89 -35.52
C GLY A 127 11.93 13.10 -36.28
N VAL A 128 10.95 12.55 -35.58
CA VAL A 128 9.91 11.80 -36.27
C VAL A 128 8.83 12.79 -36.71
N PRO A 129 8.52 12.81 -38.01
CA PRO A 129 7.49 13.72 -38.52
C PRO A 129 6.09 13.40 -37.97
N VAL A 130 5.42 14.44 -37.49
CA VAL A 130 4.07 14.32 -36.96
C VAL A 130 3.28 15.52 -37.49
N VAL A 131 1.96 15.40 -37.47
CA VAL A 131 1.11 16.47 -37.95
C VAL A 131 1.25 17.70 -37.07
N PRO A 132 1.43 18.89 -37.67
CA PRO A 132 1.56 20.10 -36.85
C PRO A 132 0.38 20.10 -35.89
N TRP A 133 0.62 20.48 -34.64
CA TRP A 133 -0.45 20.46 -33.66
C TRP A 133 -0.14 21.37 -32.48
N VAL A 134 -1.13 21.53 -31.63
CA VAL A 134 -0.98 22.33 -30.42
C VAL A 134 -1.90 21.71 -29.37
N ALA A 135 -1.51 21.85 -28.10
CA ALA A 135 -2.34 21.31 -27.03
C ALA A 135 -3.09 22.46 -26.37
N VAL A 136 -4.34 22.21 -26.02
CA VAL A 136 -5.15 23.21 -25.34
C VAL A 136 -5.76 22.58 -24.10
N ARG A 137 -5.70 23.30 -22.99
CA ARG A 137 -6.26 22.81 -21.75
C ARG A 137 -7.47 23.65 -21.39
N LYS A 138 -8.48 23.01 -20.80
CA LYS A 138 -9.69 23.70 -20.42
C LYS A 138 -9.38 24.96 -19.61
N GLY A 139 -9.93 26.09 -20.04
CA GLY A 139 -9.71 27.34 -19.35
C GLY A 139 -8.63 28.21 -19.98
N GLU A 140 -7.78 27.60 -20.80
CA GLU A 140 -6.71 28.33 -21.47
C GLU A 140 -7.19 28.92 -22.78
N PRO A 141 -6.86 30.19 -23.05
CA PRO A 141 -7.31 30.75 -24.32
C PRO A 141 -6.50 30.03 -25.40
N PRO A 142 -7.17 29.32 -26.32
CA PRO A 142 -6.52 28.59 -27.40
C PRO A 142 -5.55 29.44 -28.23
N VAL A 143 -4.37 28.90 -28.46
CA VAL A 143 -3.36 29.59 -29.27
C VAL A 143 -2.91 28.65 -30.39
N VAL A 144 -3.53 28.79 -31.56
CA VAL A 144 -3.21 27.93 -32.69
C VAL A 144 -2.38 28.70 -33.71
N PRO A 145 -1.14 28.23 -33.97
CA PRO A 145 -0.20 28.83 -34.93
C PRO A 145 -0.54 28.63 -36.41
N PHE A 146 -1.39 27.67 -36.70
CA PHE A 146 -1.77 27.42 -38.09
C PHE A 146 -3.26 27.69 -38.32
N ASP A 147 -3.61 27.90 -39.58
CA ASP A 147 -4.99 28.19 -39.96
C ASP A 147 -5.80 26.92 -40.18
N PRO A 148 -7.13 27.06 -40.19
CA PRO A 148 -7.96 25.88 -40.41
C PRO A 148 -7.69 25.42 -41.85
N PRO A 149 -8.20 24.24 -42.24
CA PRO A 149 -9.00 23.37 -41.36
C PRO A 149 -8.13 22.54 -40.44
N PHE A 150 -8.66 22.25 -39.26
CA PHE A 150 -7.95 21.39 -38.32
C PHE A 150 -8.91 20.56 -37.51
N PHE A 151 -8.39 19.52 -36.89
CA PHE A 151 -9.19 18.61 -36.09
C PHE A 151 -8.95 18.91 -34.62
N VAL A 152 -10.04 18.96 -33.85
CA VAL A 152 -9.97 19.18 -32.43
C VAL A 152 -10.39 17.86 -31.80
N LYS A 153 -9.63 17.40 -30.82
CA LYS A 153 -9.98 16.14 -30.18
C LYS A 153 -9.36 15.98 -28.80
N PRO A 154 -10.01 15.19 -27.92
CA PRO A 154 -9.49 14.97 -26.59
C PRO A 154 -8.12 14.31 -26.71
N ALA A 155 -7.23 14.57 -25.77
CA ALA A 155 -5.88 14.05 -25.82
C ALA A 155 -5.67 12.54 -25.59
N ASN A 156 -6.74 11.76 -25.44
CA ASN A 156 -6.57 10.33 -25.21
C ASN A 156 -6.51 9.54 -26.53
N THR A 157 -5.31 9.06 -26.86
CA THR A 157 -5.08 8.29 -28.09
C THR A 157 -6.15 7.26 -28.46
N GLY A 158 -6.65 7.36 -29.68
CA GLY A 158 -7.65 6.42 -30.15
C GLY A 158 -9.11 6.79 -29.93
N SER A 159 -9.37 7.83 -29.14
CA SER A 159 -10.74 8.26 -28.87
C SER A 159 -11.54 8.43 -30.15
N SER A 160 -12.82 8.08 -30.08
CA SER A 160 -13.70 8.20 -31.25
C SER A 160 -14.83 9.19 -30.93
N VAL A 161 -14.69 9.89 -29.81
CA VAL A 161 -15.68 10.86 -29.37
C VAL A 161 -15.02 12.20 -29.03
N GLY A 162 -15.79 13.27 -29.15
CA GLY A 162 -15.26 14.59 -28.84
C GLY A 162 -14.47 15.19 -29.98
N ILE A 163 -14.48 14.53 -31.13
CA ILE A 163 -13.75 15.01 -32.28
C ILE A 163 -14.60 15.94 -33.14
N SER A 164 -13.97 16.99 -33.67
CA SER A 164 -14.65 17.92 -34.54
C SER A 164 -13.66 18.45 -35.57
N ARG A 165 -14.09 18.54 -36.83
CA ARG A 165 -13.23 19.10 -37.86
C ARG A 165 -13.74 20.53 -37.96
N VAL A 166 -12.87 21.51 -37.76
CA VAL A 166 -13.31 22.89 -37.84
C VAL A 166 -12.65 23.61 -39.01
N GLU A 167 -13.45 24.44 -39.69
CA GLU A 167 -13.00 25.18 -40.85
C GLU A 167 -12.78 26.66 -40.57
N ARG A 168 -13.30 27.14 -39.44
CA ARG A 168 -13.17 28.55 -39.10
C ARG A 168 -12.85 28.73 -37.62
N PHE A 169 -12.09 29.78 -37.30
CA PHE A 169 -11.73 30.03 -35.91
C PHE A 169 -12.94 30.26 -35.04
N GLN A 170 -13.98 30.87 -35.61
CA GLN A 170 -15.18 31.15 -34.85
C GLN A 170 -15.89 29.87 -34.41
N ASP A 171 -15.49 28.74 -34.96
CA ASP A 171 -16.10 27.46 -34.59
C ASP A 171 -15.19 26.68 -33.64
N LEU A 172 -14.02 27.24 -33.33
CA LEU A 172 -13.07 26.58 -32.45
C LEU A 172 -13.56 26.42 -31.02
N GLU A 173 -14.14 27.48 -30.48
CA GLU A 173 -14.63 27.46 -29.11
C GLU A 173 -15.64 26.35 -28.87
N ALA A 174 -16.53 26.13 -29.83
CA ALA A 174 -17.55 25.08 -29.71
C ALA A 174 -16.93 23.69 -29.79
N ALA A 175 -15.94 23.53 -30.65
CA ALA A 175 -15.27 22.23 -30.79
C ALA A 175 -14.53 21.88 -29.50
N LEU A 176 -13.89 22.89 -28.90
CA LEU A 176 -13.15 22.71 -27.67
C LEU A 176 -14.08 22.33 -26.51
N ALA A 177 -15.21 23.04 -26.42
CA ALA A 177 -16.20 22.78 -25.38
C ALA A 177 -16.67 21.33 -25.44
N LEU A 178 -16.85 20.82 -26.65
CA LEU A 178 -17.28 19.44 -26.84
C LEU A 178 -16.18 18.46 -26.43
N ALA A 179 -14.97 18.73 -26.88
CA ALA A 179 -13.82 17.88 -26.60
C ALA A 179 -13.52 17.83 -25.11
N PHE A 180 -13.70 18.96 -24.42
CA PHE A 180 -13.43 19.03 -22.99
C PHE A 180 -14.36 18.22 -22.08
N ARG A 181 -15.45 17.67 -22.63
CA ARG A 181 -16.37 16.87 -21.84
C ARG A 181 -15.82 15.44 -21.72
N TYR A 182 -14.78 15.15 -22.50
CA TYR A 182 -14.18 13.83 -22.52
C TYR A 182 -12.77 13.77 -21.93
N ASP A 183 -12.06 14.89 -21.99
CA ASP A 183 -10.70 14.96 -21.45
C ASP A 183 -10.42 16.42 -21.14
N GLU A 184 -9.71 16.69 -20.05
CA GLU A 184 -9.41 18.06 -19.66
C GLU A 184 -8.37 18.72 -20.59
N LYS A 185 -7.78 17.92 -21.45
CA LYS A 185 -6.79 18.42 -22.37
C LYS A 185 -7.18 17.96 -23.76
N ALA A 186 -7.01 18.84 -24.74
CA ALA A 186 -7.35 18.51 -26.11
C ALA A 186 -6.17 18.90 -26.99
N VAL A 187 -6.15 18.41 -28.22
CA VAL A 187 -5.11 18.77 -29.14
C VAL A 187 -5.82 19.28 -30.39
N VAL A 188 -5.16 20.20 -31.09
CA VAL A 188 -5.66 20.76 -32.33
C VAL A 188 -4.64 20.36 -33.38
N GLU A 189 -5.05 19.49 -34.31
CA GLU A 189 -4.14 19.02 -35.34
C GLU A 189 -4.50 19.57 -36.72
N LYS A 190 -3.50 20.09 -37.43
CA LYS A 190 -3.73 20.62 -38.76
C LYS A 190 -4.30 19.51 -39.63
N ALA A 191 -5.42 19.80 -40.29
CA ALA A 191 -6.07 18.82 -41.15
C ALA A 191 -5.35 18.68 -42.49
N LEU A 192 -5.10 17.43 -42.86
CA LEU A 192 -4.46 17.14 -44.13
C LEU A 192 -5.54 16.46 -44.96
N SER A 193 -5.71 16.89 -46.19
CA SER A 193 -6.74 16.28 -47.02
C SER A 193 -6.44 16.45 -48.50
N PRO A 194 -6.55 15.35 -49.26
CA PRO A 194 -6.91 14.04 -48.74
C PRO A 194 -5.71 13.31 -48.14
N VAL A 195 -5.98 12.26 -47.37
CA VAL A 195 -4.92 11.48 -46.75
C VAL A 195 -5.22 10.00 -46.85
N ARG A 196 -4.18 9.19 -46.72
CA ARG A 196 -4.34 7.74 -46.75
C ARG A 196 -3.87 7.27 -45.39
N GLU A 197 -4.53 6.23 -44.86
CA GLU A 197 -4.16 5.70 -43.56
C GLU A 197 -3.37 4.41 -43.71
N LEU A 198 -2.16 4.41 -43.16
CA LEU A 198 -1.28 3.26 -43.24
C LEU A 198 -0.97 2.76 -41.84
N GLU A 199 -0.90 1.44 -41.69
CA GLU A 199 -0.61 0.86 -40.39
C GLU A 199 0.44 -0.23 -40.49
N VAL A 200 1.33 -0.27 -39.51
CA VAL A 200 2.36 -1.30 -39.52
C VAL A 200 2.57 -1.91 -38.14
N GLY A 201 2.70 -3.22 -38.10
CA GLY A 201 2.91 -3.89 -36.84
C GLY A 201 4.38 -3.93 -36.46
N VAL A 202 4.64 -4.02 -35.17
CA VAL A 202 6.00 -4.10 -34.64
C VAL A 202 5.97 -5.18 -33.55
N LEU A 203 7.01 -6.01 -33.56
CA LEU A 203 7.15 -7.10 -32.62
C LEU A 203 8.57 -7.11 -32.05
N GLY A 204 8.68 -7.18 -30.73
CA GLY A 204 9.98 -7.20 -30.08
C GLY A 204 10.11 -6.22 -28.94
N ASN A 205 11.21 -6.30 -28.21
CA ASN A 205 11.45 -5.40 -27.10
C ASN A 205 12.36 -4.26 -27.51
N VAL A 206 11.80 -3.06 -27.58
CA VAL A 206 12.52 -1.84 -27.94
C VAL A 206 13.07 -1.85 -29.37
N PHE A 207 13.86 -2.87 -29.72
CA PHE A 207 14.38 -2.98 -31.08
C PHE A 207 13.55 -4.07 -31.73
N GLY A 208 12.61 -3.68 -32.57
CA GLY A 208 11.74 -4.66 -33.16
C GLY A 208 11.87 -5.05 -34.61
N GLU A 209 10.96 -5.94 -34.98
CA GLU A 209 10.82 -6.44 -36.33
C GLU A 209 9.51 -5.80 -36.83
N ALA A 210 9.53 -5.26 -38.04
CA ALA A 210 8.36 -4.63 -38.60
C ALA A 210 7.65 -5.58 -39.54
N SER A 211 6.34 -5.49 -39.57
CA SER A 211 5.54 -6.34 -40.43
C SER A 211 5.39 -5.58 -41.74
N PRO A 212 4.68 -6.18 -42.71
CA PRO A 212 4.50 -5.46 -43.97
C PRO A 212 3.52 -4.33 -43.63
N VAL A 213 3.44 -3.32 -44.49
CA VAL A 213 2.55 -2.18 -44.26
C VAL A 213 1.14 -2.45 -44.78
N GLY A 214 0.13 -2.01 -44.03
CA GLY A 214 -1.24 -2.21 -44.45
C GLY A 214 -1.90 -0.86 -44.58
N GLU A 215 -2.99 -0.81 -45.35
CA GLU A 215 -3.72 0.43 -45.54
C GLU A 215 -5.19 0.24 -45.23
N VAL A 216 -5.82 1.29 -44.70
CA VAL A 216 -7.23 1.24 -44.40
C VAL A 216 -7.97 2.11 -45.40
N ARG A 217 -8.97 1.54 -46.05
CA ARG A 217 -9.79 2.26 -47.02
C ARG A 217 -11.23 2.18 -46.56
N TYR A 218 -11.98 3.25 -46.80
CA TYR A 218 -13.38 3.24 -46.41
C TYR A 218 -14.29 3.21 -47.64
N GLU A 219 -15.28 2.33 -47.60
CA GLU A 219 -16.26 2.19 -48.66
C GLU A 219 -17.60 2.50 -48.01
N ALA A 220 -18.26 3.56 -48.47
CA ALA A 220 -19.53 3.99 -47.91
C ALA A 220 -20.71 3.09 -48.22
N PRO A 221 -21.71 3.05 -47.33
CA PRO A 221 -22.91 2.22 -47.52
C PRO A 221 -23.70 2.79 -48.69
N PHE A 222 -24.45 1.94 -49.40
CA PHE A 222 -25.24 2.42 -50.52
C PHE A 222 -26.38 1.45 -50.81
N TYR A 223 -27.35 1.91 -51.59
CA TYR A 223 -28.50 1.09 -51.95
C TYR A 223 -28.33 0.59 -53.38
N ASP A 224 -28.10 -0.70 -53.53
CA ASP A 224 -27.89 -1.30 -54.84
C ASP A 224 -29.19 -1.76 -55.48
N TYR A 225 -29.30 -1.56 -56.78
CA TYR A 225 -30.47 -1.95 -57.55
C TYR A 225 -30.97 -3.38 -57.30
N GLU A 226 -30.04 -4.33 -57.14
CA GLU A 226 -30.42 -5.73 -56.95
C GLU A 226 -30.16 -6.26 -55.56
N THR A 227 -29.10 -5.75 -54.95
CA THR A 227 -28.70 -6.18 -53.61
C THR A 227 -29.29 -5.32 -52.51
N LYS A 228 -30.07 -4.32 -52.90
CA LYS A 228 -30.68 -3.43 -51.92
C LYS A 228 -29.55 -2.81 -51.09
N TYR A 229 -29.70 -2.83 -49.77
CA TYR A 229 -28.71 -2.26 -48.87
C TYR A 229 -27.37 -2.98 -48.78
N THR A 230 -26.29 -2.24 -48.99
CA THR A 230 -24.94 -2.76 -48.89
C THR A 230 -24.23 -1.90 -47.82
N PRO A 231 -23.83 -2.53 -46.71
CA PRO A 231 -23.17 -1.82 -45.60
C PRO A 231 -21.83 -1.17 -45.96
N GLY A 232 -21.48 -0.14 -45.22
CA GLY A 232 -20.21 0.51 -45.44
C GLY A 232 -19.16 -0.48 -44.96
N ARG A 233 -17.93 -0.35 -45.41
CA ARG A 233 -16.88 -1.27 -44.99
C ARG A 233 -15.55 -0.58 -44.85
N ALA A 234 -14.73 -1.08 -43.94
CA ALA A 234 -13.39 -0.57 -43.77
C ALA A 234 -12.57 -1.70 -44.38
N GLU A 235 -11.98 -1.44 -45.55
CA GLU A 235 -11.20 -2.47 -46.23
C GLU A 235 -9.74 -2.40 -45.84
N LEU A 236 -9.15 -3.57 -45.63
CA LEU A 236 -7.76 -3.65 -45.25
C LEU A 236 -6.96 -4.11 -46.47
N LEU A 237 -6.03 -3.27 -46.91
CA LEU A 237 -5.21 -3.60 -48.07
C LEU A 237 -3.86 -4.08 -47.56
N ILE A 238 -3.64 -5.37 -47.70
CA ILE A 238 -2.41 -6.01 -47.25
C ILE A 238 -1.77 -6.80 -48.38
N PRO A 239 -0.59 -6.39 -48.83
CA PRO A 239 0.14 -5.22 -48.34
C PRO A 239 -0.39 -3.94 -48.99
N ALA A 240 -0.14 -2.82 -48.34
CA ALA A 240 -0.59 -1.53 -48.85
C ALA A 240 0.04 -1.26 -50.22
N PRO A 241 -0.76 -0.71 -51.16
CA PRO A 241 -0.24 -0.39 -52.51
C PRO A 241 0.66 0.85 -52.45
N LEU A 242 1.92 0.64 -52.13
CA LEU A 242 2.88 1.72 -52.00
C LEU A 242 4.15 1.44 -52.79
N ASP A 243 4.81 2.50 -53.23
CA ASP A 243 6.07 2.34 -53.94
C ASP A 243 7.08 1.86 -52.89
N PRO A 244 8.14 1.17 -53.34
CA PRO A 244 9.16 0.67 -52.40
C PRO A 244 9.66 1.72 -51.40
N GLY A 245 9.95 2.91 -51.90
CA GLY A 245 10.44 3.99 -51.04
C GLY A 245 9.60 4.36 -49.83
N THR A 246 8.31 4.59 -50.06
CA THR A 246 7.41 4.97 -48.98
C THR A 246 7.26 3.83 -47.98
N GLN A 247 7.11 2.60 -48.48
CA GLN A 247 6.97 1.44 -47.62
C GLN A 247 8.14 1.35 -46.63
N GLU A 248 9.36 1.51 -47.16
CA GLU A 248 10.54 1.46 -46.30
C GLU A 248 10.58 2.61 -45.30
N THR A 249 10.13 3.78 -45.71
CA THR A 249 10.16 4.91 -44.79
C THR A 249 9.19 4.70 -43.62
N VAL A 250 7.96 4.27 -43.90
CA VAL A 250 7.01 4.06 -42.82
C VAL A 250 7.50 2.97 -41.87
N GLN A 251 8.08 1.91 -42.43
CA GLN A 251 8.60 0.81 -41.61
C GLN A 251 9.74 1.29 -40.74
N GLU A 252 10.61 2.12 -41.30
CA GLU A 252 11.74 2.65 -40.54
C GLU A 252 11.23 3.64 -39.48
N LEU A 253 10.29 4.50 -39.86
CA LEU A 253 9.71 5.46 -38.93
C LEU A 253 9.05 4.73 -37.76
N ALA A 254 8.32 3.67 -38.06
CA ALA A 254 7.63 2.90 -37.03
C ALA A 254 8.64 2.29 -36.07
N LEU A 255 9.71 1.71 -36.62
CA LEU A 255 10.74 1.10 -35.79
C LEU A 255 11.48 2.14 -34.93
N LYS A 256 11.78 3.29 -35.51
CA LYS A 256 12.46 4.34 -34.76
C LYS A 256 11.60 4.85 -33.61
N ALA A 257 10.35 5.19 -33.90
CA ALA A 257 9.43 5.68 -32.89
C ALA A 257 9.33 4.67 -31.75
N TYR A 258 9.12 3.40 -32.14
CA TYR A 258 8.98 2.29 -31.19
C TYR A 258 10.19 2.29 -30.26
N LYS A 259 11.39 2.46 -30.84
CA LYS A 259 12.63 2.48 -30.09
C LYS A 259 12.73 3.66 -29.13
N VAL A 260 12.43 4.86 -29.62
CA VAL A 260 12.50 6.04 -28.77
C VAL A 260 11.54 5.95 -27.58
N LEU A 261 10.32 5.49 -27.85
CA LEU A 261 9.31 5.37 -26.79
C LEU A 261 9.57 4.19 -25.85
N GLY A 262 10.54 3.35 -26.19
CA GLY A 262 10.84 2.21 -25.36
C GLY A 262 9.73 1.18 -25.30
N VAL A 263 8.93 1.08 -26.35
CA VAL A 263 7.85 0.10 -26.38
C VAL A 263 8.42 -1.30 -26.26
N ARG A 264 7.72 -2.20 -25.58
CA ARG A 264 8.27 -3.54 -25.39
C ARG A 264 7.76 -4.79 -26.11
N GLY A 265 6.48 -5.08 -26.13
CA GLY A 265 6.10 -6.32 -26.79
C GLY A 265 5.60 -6.23 -28.22
N MET A 266 4.65 -5.34 -28.43
CA MET A 266 4.03 -5.17 -29.73
C MET A 266 3.53 -3.74 -29.87
N ALA A 267 2.98 -3.45 -31.04
CA ALA A 267 2.40 -2.15 -31.32
C ALA A 267 1.99 -2.08 -32.78
N ARG A 268 0.87 -1.40 -33.02
CA ARG A 268 0.43 -1.18 -34.39
C ARG A 268 0.63 0.33 -34.47
N VAL A 269 1.48 0.76 -35.40
CA VAL A 269 1.77 2.18 -35.55
C VAL A 269 1.03 2.72 -36.76
N ASP A 270 0.18 3.73 -36.51
CA ASP A 270 -0.64 4.33 -37.57
C ASP A 270 -0.04 5.63 -38.12
N PHE A 271 -0.12 5.76 -39.45
CA PHE A 271 0.40 6.93 -40.15
C PHE A 271 -0.61 7.53 -41.10
N PHE A 272 -0.36 8.78 -41.45
CA PHE A 272 -1.15 9.51 -42.42
C PHE A 272 -0.15 9.72 -43.55
N LEU A 273 -0.61 9.48 -44.78
CA LEU A 273 0.20 9.68 -45.97
C LEU A 273 -0.55 10.72 -46.79
N ALA A 274 0.07 11.87 -47.02
CA ALA A 274 -0.56 12.93 -47.77
C ALA A 274 0.45 13.80 -48.49
N GLU A 275 0.19 14.05 -49.77
CA GLU A 275 1.08 14.90 -50.57
C GLU A 275 2.48 14.32 -50.56
N GLY A 276 2.58 13.00 -50.57
CA GLY A 276 3.88 12.36 -50.55
C GLY A 276 4.62 12.47 -49.21
N GLU A 277 3.94 12.96 -48.17
CA GLU A 277 4.58 13.08 -46.87
C GLU A 277 3.96 12.18 -45.80
N LEU A 278 4.83 11.55 -45.01
CA LEU A 278 4.41 10.67 -43.94
C LEU A 278 4.36 11.36 -42.59
N TYR A 279 3.34 11.02 -41.80
CA TYR A 279 3.16 11.59 -40.48
C TYR A 279 2.70 10.47 -39.53
N LEU A 280 3.45 10.26 -38.43
CA LEU A 280 3.06 9.21 -37.49
C LEU A 280 1.90 9.77 -36.66
N ASN A 281 0.75 9.14 -36.80
CA ASN A 281 -0.45 9.57 -36.11
C ASN A 281 -0.62 9.03 -34.68
N GLU A 282 -0.58 7.70 -34.54
CA GLU A 282 -0.74 7.07 -33.22
C GLU A 282 -0.06 5.71 -33.09
N LEU A 283 0.23 5.34 -31.85
CA LEU A 283 0.83 4.05 -31.54
C LEU A 283 -0.14 3.35 -30.60
N ASN A 284 -0.51 2.13 -30.97
CA ASN A 284 -1.42 1.35 -30.15
C ASN A 284 -0.62 0.26 -29.46
N THR A 285 -0.48 0.37 -28.15
CA THR A 285 0.28 -0.61 -27.38
C THR A 285 -0.45 -1.94 -27.20
N ILE A 286 -1.78 -1.94 -27.35
CA ILE A 286 -2.54 -3.18 -27.25
C ILE A 286 -3.49 -3.29 -28.45
N PRO A 287 -2.99 -3.80 -29.57
CA PRO A 287 -3.78 -3.95 -30.80
C PRO A 287 -4.85 -5.04 -30.69
N GLY A 288 -5.60 -5.22 -31.78
CA GLY A 288 -6.62 -6.24 -31.81
C GLY A 288 -6.01 -7.59 -32.18
N PHE A 289 -6.63 -8.67 -31.74
CA PHE A 289 -6.16 -10.02 -32.03
C PHE A 289 -7.28 -10.82 -32.65
N THR A 290 -8.25 -10.08 -33.18
CA THR A 290 -9.40 -10.63 -33.86
C THR A 290 -8.93 -11.10 -35.24
N PRO A 291 -9.61 -12.09 -35.83
CA PRO A 291 -9.19 -12.55 -37.15
C PRO A 291 -9.40 -11.47 -38.21
N THR A 292 -9.97 -10.34 -37.78
CA THR A 292 -10.22 -9.22 -38.68
C THR A 292 -9.28 -8.05 -38.36
N SER A 293 -8.54 -8.18 -37.26
CA SER A 293 -7.64 -7.12 -36.80
C SER A 293 -6.41 -6.95 -37.69
N MET A 294 -6.02 -5.71 -37.91
CA MET A 294 -4.87 -5.39 -38.74
C MET A 294 -3.57 -6.00 -38.25
N TYR A 295 -3.28 -5.86 -36.95
CA TYR A 295 -2.03 -6.36 -36.40
C TYR A 295 -1.71 -7.83 -36.70
N PRO A 296 -2.58 -8.77 -36.29
CA PRO A 296 -2.24 -10.17 -36.60
C PRO A 296 -2.23 -10.45 -38.11
N ARG A 297 -3.12 -9.82 -38.86
CA ARG A 297 -3.16 -10.06 -40.30
C ARG A 297 -1.89 -9.56 -41.00
N LEU A 298 -1.29 -8.49 -40.47
CA LEU A 298 -0.07 -7.94 -41.04
C LEU A 298 1.08 -8.91 -40.82
N PHE A 299 1.25 -9.35 -39.58
CA PHE A 299 2.33 -10.28 -39.30
C PHE A 299 2.14 -11.62 -40.00
N GLU A 300 0.88 -12.02 -40.23
CA GLU A 300 0.62 -13.27 -40.94
C GLU A 300 1.22 -13.14 -42.34
N ALA A 301 0.97 -12.01 -42.98
CA ALA A 301 1.47 -11.74 -44.31
C ALA A 301 2.99 -11.58 -44.25
N GLY A 302 3.51 -11.37 -43.04
CA GLY A 302 4.94 -11.22 -42.84
C GLY A 302 5.60 -12.54 -42.47
N GLY A 303 4.91 -13.64 -42.73
CA GLY A 303 5.46 -14.95 -42.44
C GLY A 303 5.39 -15.38 -40.98
N VAL A 304 4.64 -14.64 -40.16
CA VAL A 304 4.51 -14.98 -38.74
C VAL A 304 3.09 -15.47 -38.45
N ALA A 305 2.91 -16.79 -38.42
CA ALA A 305 1.60 -17.37 -38.16
C ALA A 305 1.05 -16.92 -36.79
N TYR A 306 -0.26 -16.75 -36.71
CA TYR A 306 -0.92 -16.30 -35.49
C TYR A 306 -0.43 -17.00 -34.22
N PRO A 307 -0.41 -18.35 -34.20
CA PRO A 307 0.06 -19.08 -33.02
C PRO A 307 1.48 -18.68 -32.65
N GLU A 308 2.32 -18.52 -33.67
CA GLU A 308 3.72 -18.15 -33.50
C GLU A 308 3.83 -16.72 -32.97
N LEU A 309 2.95 -15.84 -33.43
CA LEU A 309 2.95 -14.47 -32.98
C LEU A 309 2.66 -14.44 -31.47
N LEU A 310 1.65 -15.19 -31.05
CA LEU A 310 1.29 -15.25 -29.63
C LEU A 310 2.44 -15.85 -28.81
N ARG A 311 3.10 -16.86 -29.37
CA ARG A 311 4.22 -17.50 -28.67
C ARG A 311 5.31 -16.49 -28.41
N ARG A 312 5.68 -15.72 -29.44
CA ARG A 312 6.75 -14.74 -29.29
C ARG A 312 6.40 -13.61 -28.33
N LEU A 313 5.13 -13.21 -28.32
CA LEU A 313 4.70 -12.15 -27.42
C LEU A 313 4.87 -12.60 -25.98
N VAL A 314 4.46 -13.83 -25.70
CA VAL A 314 4.59 -14.38 -24.35
C VAL A 314 6.04 -14.49 -23.93
N GLU A 315 6.88 -14.97 -24.84
CA GLU A 315 8.30 -15.13 -24.55
C GLU A 315 8.99 -13.80 -24.32
N LEU A 316 8.60 -12.77 -25.08
CA LEU A 316 9.17 -11.45 -24.94
C LEU A 316 8.90 -10.83 -23.57
N ALA A 317 7.77 -11.17 -22.97
CA ALA A 317 7.43 -10.63 -21.65
C ALA A 317 8.48 -11.01 -20.60
N LEU A 318 9.17 -12.12 -20.83
CA LEU A 318 10.21 -12.61 -19.94
C LEU A 318 11.56 -12.10 -20.44
N THR A 319 11.50 -11.31 -21.50
CA THR A 319 12.67 -10.71 -22.15
C THR A 319 13.75 -11.75 -22.37
N MET B 1 -14.16 13.94 6.31
CA MET B 1 -12.92 13.58 5.59
C MET B 1 -12.16 12.50 6.35
N ARG B 2 -11.62 11.54 5.60
CA ARG B 2 -10.87 10.42 6.14
C ARG B 2 -9.70 10.20 5.18
N VAL B 3 -8.48 10.37 5.70
CA VAL B 3 -7.29 10.22 4.87
C VAL B 3 -6.44 9.01 5.22
N LEU B 4 -5.98 8.29 4.19
CA LEU B 4 -5.10 7.15 4.41
C LEU B 4 -3.70 7.56 3.95
N LEU B 5 -2.76 7.59 4.89
CA LEU B 5 -1.39 7.95 4.55
C LEU B 5 -0.60 6.65 4.35
N ILE B 6 0.13 6.55 3.24
CA ILE B 6 0.94 5.36 2.98
C ILE B 6 2.41 5.80 2.98
N ALA B 7 3.26 5.12 3.73
CA ALA B 7 4.68 5.48 3.78
C ALA B 7 5.59 4.27 3.88
N GLY B 8 6.90 4.52 3.76
CA GLY B 8 7.87 3.44 3.81
C GLY B 8 8.39 3.14 2.41
N GLY B 9 8.07 1.95 1.89
CA GLY B 9 8.49 1.59 0.55
C GLY B 9 9.70 0.66 0.50
N VAL B 10 9.94 0.08 -0.67
CA VAL B 10 11.07 -0.82 -0.85
C VAL B 10 12.31 -0.06 -1.28
N SER B 11 12.13 1.18 -1.74
CA SER B 11 13.26 1.99 -2.18
C SER B 11 14.18 2.38 -1.02
N PRO B 12 15.40 2.81 -1.32
CA PRO B 12 16.42 3.24 -0.35
C PRO B 12 15.98 4.46 0.46
N GLU B 13 14.88 5.06 0.06
CA GLU B 13 14.38 6.24 0.76
C GLU B 13 13.30 5.84 1.76
N HIS B 14 13.24 4.54 2.05
CA HIS B 14 12.29 3.97 3.00
C HIS B 14 12.22 4.74 4.32
N GLU B 15 13.38 4.97 4.93
CA GLU B 15 13.42 5.66 6.22
C GLU B 15 13.06 7.15 6.17
N VAL B 16 13.51 7.89 5.15
CA VAL B 16 13.14 9.31 5.09
C VAL B 16 11.65 9.43 4.84
N SER B 17 11.06 8.42 4.21
CA SER B 17 9.62 8.40 3.94
C SER B 17 8.88 8.34 5.28
N LEU B 18 9.32 7.46 6.17
CA LEU B 18 8.70 7.36 7.50
C LEU B 18 8.86 8.68 8.24
N LEU B 19 10.05 9.26 8.17
CA LEU B 19 10.29 10.53 8.85
C LEU B 19 9.26 11.58 8.41
N SER B 20 9.08 11.74 7.10
CA SER B 20 8.11 12.72 6.62
C SER B 20 6.69 12.29 7.01
N ALA B 21 6.46 10.99 7.13
CA ALA B 21 5.14 10.48 7.51
C ALA B 21 4.83 10.94 8.93
N GLU B 22 5.83 10.86 9.81
CA GLU B 22 5.64 11.26 11.18
C GLU B 22 5.19 12.72 11.21
N GLY B 23 5.86 13.56 10.43
CA GLY B 23 5.50 14.96 10.39
C GLY B 23 4.08 15.17 9.88
N VAL B 24 3.78 14.62 8.71
CA VAL B 24 2.45 14.74 8.13
C VAL B 24 1.36 14.30 9.10
N LEU B 25 1.56 13.14 9.71
CA LEU B 25 0.60 12.57 10.64
C LEU B 25 0.36 13.45 11.87
N ARG B 26 1.36 14.22 12.25
CA ARG B 26 1.22 15.09 13.43
C ARG B 26 0.57 16.43 13.15
N HIS B 27 0.44 16.80 11.87
CA HIS B 27 -0.14 18.10 11.56
C HIS B 27 -1.21 18.12 10.48
N ILE B 28 -1.54 16.95 9.94
CA ILE B 28 -2.56 16.88 8.91
C ILE B 28 -3.89 17.16 9.62
N PRO B 29 -4.61 18.22 9.20
CA PRO B 29 -5.90 18.62 9.77
C PRO B 29 -7.11 17.76 9.44
N PHE B 30 -6.90 16.46 9.31
CA PHE B 30 -8.01 15.54 9.00
C PHE B 30 -7.78 14.22 9.70
N PRO B 31 -8.86 13.49 10.00
CA PRO B 31 -8.65 12.21 10.68
C PRO B 31 -7.81 11.39 9.67
N THR B 32 -6.68 10.86 10.11
CA THR B 32 -5.82 10.12 9.19
C THR B 32 -5.28 8.81 9.73
N ASP B 33 -5.34 7.77 8.89
CA ASP B 33 -4.81 6.46 9.26
C ASP B 33 -3.48 6.27 8.53
N LEU B 34 -2.67 5.36 9.04
CA LEU B 34 -1.37 5.09 8.44
C LEU B 34 -1.22 3.64 8.02
N ALA B 35 -0.70 3.44 6.81
CA ALA B 35 -0.42 2.11 6.29
C ALA B 35 1.06 2.19 5.93
N VAL B 36 1.82 1.15 6.22
CA VAL B 36 3.25 1.17 5.92
C VAL B 36 3.65 0.00 5.03
N ILE B 37 4.49 0.28 4.04
CA ILE B 37 5.00 -0.77 3.15
C ILE B 37 6.39 -1.05 3.68
N ALA B 38 6.65 -2.29 4.08
CA ALA B 38 7.96 -2.66 4.62
C ALA B 38 8.95 -2.87 3.49
N GLN B 39 10.23 -2.86 3.85
CA GLN B 39 11.31 -3.03 2.89
C GLN B 39 11.23 -4.31 2.07
N ASP B 40 10.56 -5.32 2.59
CA ASP B 40 10.43 -6.58 1.87
C ASP B 40 9.18 -6.52 0.98
N GLY B 41 8.51 -5.36 0.96
CA GLY B 41 7.34 -5.21 0.12
C GLY B 41 6.00 -5.55 0.74
N ARG B 42 6.00 -6.16 1.94
CA ARG B 42 4.76 -6.52 2.62
C ARG B 42 4.22 -5.33 3.42
N TRP B 43 2.90 -5.20 3.47
CA TRP B 43 2.28 -4.08 4.17
C TRP B 43 2.00 -4.31 5.65
N LEU B 44 2.00 -3.21 6.41
CA LEU B 44 1.69 -3.21 7.83
C LEU B 44 0.51 -2.27 8.01
N LEU B 45 -0.54 -2.75 8.67
CA LEU B 45 -1.76 -1.95 8.90
C LEU B 45 -2.01 -1.69 10.38
N GLY B 46 -2.85 -0.71 10.67
CA GLY B 46 -3.19 -0.39 12.05
C GLY B 46 -2.05 -0.29 13.05
N GLU B 47 -2.20 -0.97 14.19
CA GLU B 47 -1.21 -0.95 15.26
C GLU B 47 0.24 -1.21 14.85
N LYS B 48 0.48 -2.27 14.06
CA LYS B 48 1.84 -2.59 13.63
C LYS B 48 2.44 -1.48 12.77
N ALA B 49 1.60 -0.76 12.02
CA ALA B 49 2.06 0.32 11.18
C ALA B 49 2.63 1.43 12.06
N LEU B 50 1.90 1.77 13.11
CA LEU B 50 2.32 2.81 14.06
C LEU B 50 3.64 2.42 14.71
N THR B 51 3.73 1.16 15.14
CA THR B 51 4.95 0.67 15.77
C THR B 51 6.14 0.89 14.84
N ALA B 52 5.98 0.51 13.57
CA ALA B 52 7.03 0.66 12.57
C ALA B 52 7.38 2.14 12.40
N LEU B 53 6.36 2.99 12.40
CA LEU B 53 6.57 4.43 12.27
C LEU B 53 7.47 4.93 13.39
N GLU B 54 7.21 4.47 14.61
CA GLU B 54 8.00 4.89 15.76
C GLU B 54 9.41 4.29 15.76
N ALA B 55 9.57 3.12 15.13
CA ALA B 55 10.87 2.47 15.07
C ALA B 55 11.74 3.06 13.96
N LYS B 56 11.17 3.97 13.17
CA LYS B 56 11.88 4.63 12.08
C LYS B 56 12.24 3.69 10.91
N ALA B 57 11.75 2.46 10.95
CA ALA B 57 12.02 1.51 9.88
C ALA B 57 11.25 0.23 10.06
N ALA B 58 10.85 -0.36 8.94
CA ALA B 58 10.10 -1.61 8.95
C ALA B 58 10.71 -2.56 7.93
N PRO B 59 11.65 -3.40 8.39
CA PRO B 59 12.35 -4.39 7.55
C PRO B 59 11.40 -5.32 6.81
N GLU B 60 10.46 -5.92 7.53
CA GLU B 60 9.51 -6.83 6.90
C GLU B 60 8.07 -6.55 7.33
N GLY B 61 7.14 -6.81 6.42
CA GLY B 61 5.73 -6.56 6.71
C GLY B 61 4.93 -7.82 6.96
N GLU B 62 3.61 -7.65 7.02
CA GLU B 62 2.71 -8.77 7.27
C GLU B 62 1.88 -9.19 6.06
N HIS B 63 1.33 -8.21 5.35
CA HIS B 63 0.47 -8.49 4.22
C HIS B 63 1.08 -8.37 2.82
N PRO B 64 1.03 -9.45 2.04
CA PRO B 64 1.58 -9.44 0.68
C PRO B 64 0.72 -8.47 -0.13
N PHE B 65 1.31 -7.79 -1.10
CA PHE B 65 0.54 -6.86 -1.93
C PHE B 65 -0.38 -7.64 -2.88
N PRO B 66 -1.64 -7.20 -3.02
CA PRO B 66 -2.26 -6.04 -2.37
C PRO B 66 -2.81 -6.45 -1.00
N PRO B 67 -2.72 -5.55 -0.02
CA PRO B 67 -3.20 -5.79 1.34
C PRO B 67 -4.71 -5.94 1.48
N PRO B 68 -5.16 -6.69 2.51
CA PRO B 68 -6.58 -6.93 2.80
C PRO B 68 -7.15 -5.70 3.50
N LEU B 69 -7.21 -4.59 2.76
CA LEU B 69 -7.70 -3.36 3.32
C LEU B 69 -8.96 -2.89 2.57
N SER B 70 -9.94 -2.40 3.33
CA SER B 70 -11.17 -1.89 2.71
C SER B 70 -10.92 -0.40 2.50
N TRP B 71 -10.77 -0.01 1.24
CA TRP B 71 -10.49 1.37 0.89
C TRP B 71 -11.71 2.29 0.98
N GLU B 72 -12.87 1.70 1.24
CA GLU B 72 -14.13 2.46 1.34
C GLU B 72 -14.03 3.53 2.41
N ARG B 73 -13.32 3.21 3.49
CA ARG B 73 -13.15 4.12 4.61
C ARG B 73 -12.43 5.44 4.34
N TYR B 74 -11.73 5.57 3.20
CA TYR B 74 -11.01 6.80 2.96
C TYR B 74 -11.47 7.63 1.76
N ASP B 75 -11.46 8.94 1.95
CA ASP B 75 -11.85 9.85 0.89
C ASP B 75 -10.66 10.19 0.00
N VAL B 76 -9.48 10.23 0.61
CA VAL B 76 -8.26 10.56 -0.11
C VAL B 76 -7.08 9.73 0.37
N VAL B 77 -6.27 9.25 -0.56
CA VAL B 77 -5.07 8.48 -0.24
C VAL B 77 -3.86 9.39 -0.50
N PHE B 78 -2.92 9.38 0.44
CA PHE B 78 -1.72 10.21 0.34
C PHE B 78 -0.50 9.26 0.24
N PRO B 79 -0.10 8.91 -0.99
CA PRO B 79 1.06 8.02 -1.13
C PRO B 79 2.36 8.78 -0.87
N LEU B 80 2.92 8.59 0.31
CA LEU B 80 4.15 9.29 0.65
C LEU B 80 5.40 8.43 0.42
N LEU B 81 5.43 7.71 -0.70
CA LEU B 81 6.57 6.88 -1.05
C LEU B 81 7.47 7.62 -2.05
N HIS B 82 8.75 7.25 -2.10
CA HIS B 82 9.71 7.88 -3.00
C HIS B 82 10.32 6.84 -3.96
N GLY B 83 10.67 7.29 -5.17
CA GLY B 83 11.31 6.40 -6.15
C GLY B 83 10.52 5.21 -6.67
N ARG B 84 11.20 4.07 -6.78
CA ARG B 84 10.59 2.84 -7.28
C ARG B 84 9.36 2.50 -6.43
N PHE B 85 8.26 2.17 -7.10
CA PHE B 85 6.99 1.85 -6.43
C PHE B 85 6.54 3.00 -5.52
N GLY B 86 6.95 4.21 -5.87
CA GLY B 86 6.58 5.39 -5.09
C GLY B 86 6.24 6.58 -5.95
N GLU B 87 7.19 7.01 -6.78
CA GLU B 87 6.97 8.14 -7.67
C GLU B 87 6.95 7.70 -9.13
N ASP B 88 6.95 6.39 -9.39
CA ASP B 88 6.98 5.93 -10.77
C ASP B 88 5.63 5.64 -11.41
N GLY B 89 4.54 6.02 -10.73
CA GLY B 89 3.21 5.79 -11.27
C GLY B 89 2.60 4.41 -11.05
N THR B 90 3.33 3.48 -10.45
CA THR B 90 2.80 2.14 -10.21
C THR B 90 1.73 2.14 -9.13
N VAL B 91 2.04 2.71 -7.97
CA VAL B 91 1.08 2.78 -6.87
C VAL B 91 -0.09 3.66 -7.28
N GLN B 92 0.21 4.72 -8.03
CA GLN B 92 -0.83 5.63 -8.50
C GLN B 92 -1.84 4.85 -9.34
N GLY B 93 -1.33 3.98 -10.21
CA GLY B 93 -2.19 3.19 -11.07
C GLY B 93 -3.07 2.25 -10.27
N PHE B 94 -2.49 1.64 -9.24
CA PHE B 94 -3.22 0.72 -8.37
C PHE B 94 -4.40 1.51 -7.79
N LEU B 95 -4.10 2.71 -7.29
CA LEU B 95 -5.11 3.58 -6.72
C LEU B 95 -6.18 3.99 -7.73
N GLU B 96 -5.77 4.20 -8.98
CA GLU B 96 -6.71 4.55 -10.05
C GLU B 96 -7.70 3.40 -10.22
N LEU B 97 -7.16 2.18 -10.17
CA LEU B 97 -7.94 0.96 -10.32
C LEU B 97 -8.91 0.77 -9.15
N LEU B 98 -8.49 1.17 -7.94
CA LEU B 98 -9.34 1.07 -6.76
C LEU B 98 -10.41 2.16 -6.80
N GLY B 99 -10.22 3.12 -7.71
CA GLY B 99 -11.15 4.24 -7.84
C GLY B 99 -11.01 5.24 -6.72
N LYS B 100 -9.82 5.31 -6.13
CA LYS B 100 -9.58 6.22 -5.01
C LYS B 100 -8.86 7.53 -5.37
N PRO B 101 -9.39 8.67 -4.89
CA PRO B 101 -8.73 9.95 -5.17
C PRO B 101 -7.41 9.89 -4.41
N TYR B 102 -6.35 10.53 -4.91
CA TYR B 102 -5.08 10.50 -4.20
C TYR B 102 -4.23 11.74 -4.46
N VAL B 103 -3.39 12.04 -3.49
CA VAL B 103 -2.50 13.19 -3.56
C VAL B 103 -1.37 13.05 -4.58
N GLY B 104 -1.01 14.14 -5.22
CA GLY B 104 0.10 14.11 -6.17
C GLY B 104 -0.18 13.79 -7.63
N ALA B 105 0.91 13.70 -8.38
CA ALA B 105 0.84 13.42 -9.81
C ALA B 105 0.21 12.07 -10.15
N GLY B 106 -0.47 12.04 -11.29
CA GLY B 106 -1.11 10.81 -11.75
C GLY B 106 -0.08 9.85 -12.32
N VAL B 107 -0.55 8.82 -13.01
CA VAL B 107 0.33 7.81 -13.58
C VAL B 107 1.29 8.36 -14.64
N ALA B 108 0.76 9.04 -15.65
CA ALA B 108 1.58 9.59 -16.71
C ALA B 108 2.65 10.55 -16.21
N ALA B 109 2.26 11.55 -15.43
CA ALA B 109 3.22 12.52 -14.90
C ALA B 109 4.30 11.87 -14.02
N SER B 110 3.90 10.98 -13.13
CA SER B 110 4.86 10.29 -12.26
C SER B 110 5.85 9.44 -13.08
N ALA B 111 5.33 8.64 -14.00
CA ALA B 111 6.20 7.78 -14.80
C ALA B 111 7.16 8.58 -15.67
N LEU B 112 6.70 9.71 -16.19
CA LEU B 112 7.54 10.54 -17.04
C LEU B 112 8.60 11.28 -16.25
N CYS B 113 8.21 11.84 -15.11
CA CYS B 113 9.15 12.59 -14.28
C CYS B 113 10.25 11.73 -13.67
N MET B 114 10.06 10.41 -13.70
CA MET B 114 11.05 9.50 -13.16
C MET B 114 11.96 8.93 -14.26
N ASP B 115 11.68 9.30 -15.50
CA ASP B 115 12.49 8.84 -16.62
C ASP B 115 13.34 10.02 -17.08
N LYS B 116 14.62 10.01 -16.70
CA LYS B 116 15.54 11.08 -17.06
C LYS B 116 15.63 11.31 -18.58
N ASP B 117 15.34 10.27 -19.37
CA ASP B 117 15.40 10.40 -20.81
C ASP B 117 14.16 11.03 -21.43
N LEU B 118 13.01 10.38 -21.25
CA LEU B 118 11.74 10.89 -21.81
C LEU B 118 11.36 12.27 -21.29
N SER B 119 11.56 12.51 -20.00
CA SER B 119 11.22 13.81 -19.43
C SER B 119 12.01 14.93 -20.08
N LYS B 120 13.28 14.68 -20.39
CA LYS B 120 14.11 15.69 -21.02
C LYS B 120 13.68 15.94 -22.47
N ARG B 121 13.24 14.89 -23.15
CA ARG B 121 12.81 15.04 -24.53
C ARG B 121 11.58 15.94 -24.54
N VAL B 122 10.68 15.74 -23.60
CA VAL B 122 9.47 16.57 -23.53
C VAL B 122 9.79 18.01 -23.20
N LEU B 123 10.58 18.23 -22.15
CA LEU B 123 10.94 19.59 -21.74
C LEU B 123 11.76 20.32 -22.81
N ALA B 124 12.68 19.63 -23.46
CA ALA B 124 13.50 20.27 -24.49
C ALA B 124 12.61 20.74 -25.63
N GLN B 125 11.66 19.89 -26.04
CA GLN B 125 10.74 20.22 -27.12
C GLN B 125 9.86 21.40 -26.72
N ALA B 126 9.54 21.48 -25.44
CA ALA B 126 8.68 22.55 -24.92
C ALA B 126 9.42 23.87 -24.75
N GLY B 127 10.75 23.84 -24.83
CA GLY B 127 11.51 25.07 -24.68
C GLY B 127 12.09 25.30 -23.29
N VAL B 128 12.07 24.28 -22.45
CA VAL B 128 12.64 24.39 -21.10
C VAL B 128 14.08 23.93 -21.20
N PRO B 129 15.02 24.75 -20.71
CA PRO B 129 16.43 24.34 -20.79
C PRO B 129 16.78 23.15 -19.90
N VAL B 130 17.50 22.19 -20.46
CA VAL B 130 17.96 21.01 -19.74
C VAL B 130 19.43 20.79 -20.08
N VAL B 131 20.20 20.24 -19.15
CA VAL B 131 21.62 19.99 -19.40
C VAL B 131 21.74 19.11 -20.64
N PRO B 132 22.72 19.40 -21.52
CA PRO B 132 22.91 18.59 -22.75
C PRO B 132 23.07 17.12 -22.39
N TRP B 133 22.37 16.24 -23.10
CA TRP B 133 22.44 14.82 -22.77
C TRP B 133 22.20 13.89 -23.95
N VAL B 134 22.43 12.60 -23.69
CA VAL B 134 22.20 11.56 -24.68
C VAL B 134 21.72 10.35 -23.90
N ALA B 135 20.91 9.51 -24.54
CA ALA B 135 20.41 8.31 -23.91
C ALA B 135 21.06 7.12 -24.61
N VAL B 136 21.39 6.08 -23.85
CA VAL B 136 22.03 4.90 -24.42
C VAL B 136 21.46 3.63 -23.81
N ARG B 137 21.15 2.65 -24.66
CA ARG B 137 20.63 1.38 -24.18
C ARG B 137 21.71 0.31 -24.29
N LYS B 138 21.61 -0.69 -23.42
CA LYS B 138 22.56 -1.80 -23.41
C LYS B 138 22.70 -2.39 -24.80
N GLY B 139 23.92 -2.49 -25.29
CA GLY B 139 24.14 -3.06 -26.60
C GLY B 139 24.19 -2.09 -27.76
N GLU B 140 23.91 -0.82 -27.52
CA GLU B 140 23.96 0.13 -28.62
C GLU B 140 25.16 1.07 -28.47
N PRO B 141 25.90 1.28 -29.57
CA PRO B 141 27.09 2.13 -29.64
C PRO B 141 26.84 3.57 -29.16
N PRO B 142 27.58 4.01 -28.14
CA PRO B 142 27.46 5.34 -27.56
C PRO B 142 27.93 6.45 -28.50
N VAL B 143 27.17 7.54 -28.56
CA VAL B 143 27.51 8.67 -29.41
C VAL B 143 27.30 9.94 -28.57
N VAL B 144 28.37 10.42 -27.97
CA VAL B 144 28.32 11.61 -27.12
C VAL B 144 28.76 12.89 -27.83
N PRO B 145 27.82 13.79 -28.11
CA PRO B 145 28.09 15.07 -28.80
C PRO B 145 28.94 16.03 -27.98
N PHE B 146 29.32 15.61 -26.77
CA PHE B 146 30.15 16.46 -25.92
C PHE B 146 31.32 15.69 -25.32
N ASP B 147 32.24 16.41 -24.70
CA ASP B 147 33.41 15.80 -24.10
C ASP B 147 33.28 15.77 -22.59
N PRO B 148 34.07 14.93 -21.92
CA PRO B 148 33.99 14.87 -20.46
C PRO B 148 34.29 16.26 -19.91
N PRO B 149 33.99 16.49 -18.62
CA PRO B 149 33.38 15.49 -17.75
C PRO B 149 31.87 15.40 -17.96
N PHE B 150 31.30 14.26 -17.60
CA PHE B 150 29.87 14.06 -17.72
C PHE B 150 29.45 12.89 -16.87
N PHE B 151 28.16 12.85 -16.54
CA PHE B 151 27.65 11.77 -15.71
C PHE B 151 26.99 10.67 -16.52
N VAL B 152 27.01 9.48 -15.95
CA VAL B 152 26.38 8.32 -16.57
C VAL B 152 25.47 7.80 -15.47
N LYS B 153 24.20 7.58 -15.80
CA LYS B 153 23.28 7.11 -14.79
C LYS B 153 22.10 6.36 -15.37
N PRO B 154 21.58 5.39 -14.60
CA PRO B 154 20.42 4.65 -15.11
C PRO B 154 19.29 5.66 -15.30
N ALA B 155 18.52 5.50 -16.38
CA ALA B 155 17.45 6.43 -16.73
C ALA B 155 16.18 6.51 -15.86
N ASN B 156 15.53 5.38 -15.62
CA ASN B 156 14.29 5.38 -14.85
C ASN B 156 14.49 5.04 -13.37
N THR B 157 15.72 5.18 -12.91
CA THR B 157 16.07 4.89 -11.53
C THR B 157 15.99 6.16 -10.69
N GLY B 158 15.02 6.22 -9.78
CA GLY B 158 14.90 7.38 -8.92
C GLY B 158 15.84 7.21 -7.74
N SER B 159 17.00 6.59 -8.01
CA SER B 159 18.00 6.34 -6.98
C SER B 159 19.38 6.88 -7.38
N SER B 160 20.31 6.86 -6.42
CA SER B 160 21.67 7.34 -6.64
C SER B 160 22.61 6.21 -7.03
N VAL B 161 22.06 5.01 -7.17
CA VAL B 161 22.86 3.85 -7.53
C VAL B 161 23.24 3.81 -9.00
N GLY B 162 24.41 3.23 -9.29
CA GLY B 162 24.86 3.10 -10.67
C GLY B 162 25.29 4.39 -11.36
N ILE B 163 25.46 5.47 -10.61
CA ILE B 163 25.88 6.73 -11.21
C ILE B 163 27.40 6.89 -11.15
N SER B 164 27.96 7.47 -12.21
CA SER B 164 29.40 7.68 -12.29
C SER B 164 29.72 9.03 -12.94
N ARG B 165 30.83 9.63 -12.50
CA ARG B 165 31.28 10.90 -13.06
C ARG B 165 32.48 10.53 -13.93
N VAL B 166 32.30 10.57 -15.24
CA VAL B 166 33.36 10.21 -16.18
C VAL B 166 34.28 11.38 -16.53
N GLU B 167 35.58 11.14 -16.43
CA GLU B 167 36.60 12.15 -16.73
C GLU B 167 37.32 11.82 -18.03
N ARG B 168 37.50 10.54 -18.29
CA ARG B 168 38.19 10.08 -19.49
C ARG B 168 37.21 9.42 -20.45
N PHE B 169 37.24 9.84 -21.70
CA PHE B 169 36.35 9.29 -22.72
C PHE B 169 36.55 7.78 -22.87
N GLN B 170 37.55 7.25 -22.17
CA GLN B 170 37.84 5.82 -22.24
C GLN B 170 37.23 5.04 -21.08
N ASP B 171 36.66 5.75 -20.11
CA ASP B 171 36.02 5.11 -18.96
C ASP B 171 34.51 4.97 -19.18
N LEU B 172 34.03 5.55 -20.27
CA LEU B 172 32.61 5.51 -20.60
C LEU B 172 32.03 4.11 -20.58
N GLU B 173 32.59 3.21 -21.38
CA GLU B 173 32.10 1.84 -21.45
C GLU B 173 31.89 1.27 -20.06
N ALA B 174 32.83 1.57 -19.17
CA ALA B 174 32.78 1.08 -17.80
C ALA B 174 31.60 1.66 -17.02
N ALA B 175 31.42 2.97 -17.09
CA ALA B 175 30.33 3.63 -16.39
C ALA B 175 28.97 3.11 -16.88
N LEU B 176 28.84 2.91 -18.19
CA LEU B 176 27.60 2.39 -18.75
C LEU B 176 27.32 0.99 -18.22
N ALA B 177 28.36 0.17 -18.13
CA ALA B 177 28.22 -1.19 -17.63
C ALA B 177 27.57 -1.17 -16.25
N LEU B 178 28.03 -0.25 -15.40
CA LEU B 178 27.47 -0.13 -14.06
C LEU B 178 26.00 0.27 -14.14
N ALA B 179 25.73 1.40 -14.79
CA ALA B 179 24.37 1.90 -14.93
C ALA B 179 23.40 0.84 -15.45
N PHE B 180 23.83 0.10 -16.46
CA PHE B 180 23.00 -0.93 -17.06
C PHE B 180 22.62 -2.03 -16.08
N ARG B 181 23.18 -1.98 -14.87
CA ARG B 181 22.86 -2.98 -13.85
C ARG B 181 21.53 -2.61 -13.20
N TYR B 182 21.09 -1.37 -13.42
CA TYR B 182 19.86 -0.88 -12.81
C TYR B 182 18.79 -0.43 -13.79
N ASP B 183 19.10 -0.48 -15.08
CA ASP B 183 18.17 -0.07 -16.13
C ASP B 183 18.85 -0.29 -17.49
N GLU B 184 18.15 -0.97 -18.40
CA GLU B 184 18.68 -1.25 -19.72
C GLU B 184 18.87 0.04 -20.52
N LYS B 185 18.54 1.17 -19.91
CA LYS B 185 18.70 2.47 -20.54
C LYS B 185 19.37 3.41 -19.55
N ALA B 186 20.34 4.17 -20.03
CA ALA B 186 21.07 5.11 -19.20
C ALA B 186 21.21 6.43 -19.95
N VAL B 187 21.52 7.50 -19.23
CA VAL B 187 21.71 8.80 -19.85
C VAL B 187 23.09 9.33 -19.52
N VAL B 188 23.64 10.11 -20.45
CA VAL B 188 24.95 10.72 -20.27
C VAL B 188 24.65 12.22 -20.27
N GLU B 189 24.96 12.89 -19.16
CA GLU B 189 24.70 14.32 -19.03
C GLU B 189 25.96 15.14 -18.81
N LYS B 190 26.16 16.16 -19.64
CA LYS B 190 27.32 17.03 -19.52
C LYS B 190 27.43 17.50 -18.07
N ALA B 191 28.66 17.54 -17.55
CA ALA B 191 28.89 17.98 -16.18
C ALA B 191 29.14 19.48 -16.13
N LEU B 192 28.42 20.17 -15.26
CA LEU B 192 28.58 21.61 -15.13
C LEU B 192 29.36 21.93 -13.87
N SER B 193 30.27 22.90 -13.96
CA SER B 193 31.10 23.30 -12.82
C SER B 193 31.86 24.60 -13.08
N PRO B 194 31.77 25.57 -12.15
CA PRO B 194 31.00 25.52 -10.89
C PRO B 194 29.50 25.50 -11.17
N VAL B 195 28.75 24.91 -10.24
CA VAL B 195 27.31 24.83 -10.39
C VAL B 195 26.59 25.03 -9.08
N ARG B 196 25.49 25.78 -9.14
CA ARG B 196 24.67 26.04 -7.97
C ARG B 196 23.38 25.24 -8.11
N GLU B 197 22.83 24.80 -6.99
CA GLU B 197 21.58 24.04 -7.03
C GLU B 197 20.45 24.88 -6.47
N LEU B 198 19.42 25.08 -7.27
CA LEU B 198 18.26 25.85 -6.85
C LEU B 198 17.04 24.92 -6.85
N GLU B 199 16.09 25.19 -5.96
CA GLU B 199 14.88 24.39 -5.86
C GLU B 199 13.67 25.27 -5.61
N VAL B 200 12.57 24.95 -6.26
CA VAL B 200 11.35 25.72 -6.06
C VAL B 200 10.19 24.76 -5.96
N GLY B 201 9.25 25.09 -5.08
CA GLY B 201 8.10 24.23 -4.90
C GLY B 201 6.91 24.72 -5.70
N VAL B 202 6.06 23.78 -6.10
CA VAL B 202 4.85 24.10 -6.85
C VAL B 202 3.69 23.44 -6.15
N LEU B 203 2.54 24.11 -6.20
CA LEU B 203 1.33 23.62 -5.56
C LEU B 203 0.14 23.93 -6.44
N GLY B 204 -0.71 22.93 -6.65
CA GLY B 204 -1.88 23.12 -7.48
C GLY B 204 -1.98 22.05 -8.56
N ASN B 205 -3.13 21.98 -9.23
CA ASN B 205 -3.33 21.00 -10.30
C ASN B 205 -3.06 21.60 -11.68
N VAL B 206 -2.02 21.10 -12.35
CA VAL B 206 -1.63 21.54 -13.69
C VAL B 206 -1.15 22.99 -13.74
N PHE B 207 -1.99 23.92 -13.30
CA PHE B 207 -1.63 25.33 -13.24
C PHE B 207 -1.33 25.58 -11.76
N GLY B 208 -0.06 25.60 -11.38
CA GLY B 208 0.25 25.79 -9.98
C GLY B 208 0.80 27.14 -9.62
N GLU B 209 1.09 27.32 -8.34
CA GLU B 209 1.69 28.54 -7.88
C GLU B 209 3.05 28.17 -7.33
N ALA B 210 4.06 28.97 -7.64
CA ALA B 210 5.41 28.71 -7.17
C ALA B 210 5.63 29.35 -5.82
N SER B 211 6.49 28.71 -5.02
CA SER B 211 6.84 29.21 -3.70
C SER B 211 8.10 30.04 -3.92
N PRO B 212 8.67 30.60 -2.86
CA PRO B 212 9.89 31.38 -3.11
C PRO B 212 10.96 30.37 -3.55
N VAL B 213 12.01 30.87 -4.20
CA VAL B 213 13.08 29.99 -4.66
C VAL B 213 14.09 29.74 -3.52
N GLY B 214 14.57 28.51 -3.43
CA GLY B 214 15.54 28.19 -2.40
C GLY B 214 16.82 27.70 -3.03
N GLU B 215 17.91 27.66 -2.24
CA GLU B 215 19.19 27.18 -2.75
C GLU B 215 19.85 26.19 -1.78
N VAL B 216 20.38 25.10 -2.33
CA VAL B 216 21.05 24.09 -1.53
C VAL B 216 22.57 24.23 -1.62
N ARG B 217 23.22 24.39 -0.47
CA ARG B 217 24.67 24.52 -0.44
C ARG B 217 25.26 23.60 0.64
N TYR B 218 26.21 22.76 0.22
CA TYR B 218 26.83 21.81 1.13
C TYR B 218 28.08 22.34 1.82
N GLU B 219 28.23 21.99 3.10
CA GLU B 219 29.39 22.42 3.88
C GLU B 219 30.52 21.43 3.66
N ALA B 220 31.72 21.80 4.08
CA ALA B 220 32.88 20.94 3.93
C ALA B 220 32.66 19.60 4.61
N PRO B 221 33.27 18.53 4.06
CA PRO B 221 33.13 17.19 4.61
C PRO B 221 33.94 17.06 5.91
N PHE B 222 33.43 16.28 6.87
CA PHE B 222 34.10 16.09 8.15
C PHE B 222 33.97 14.67 8.67
N THR B 230 32.64 11.81 5.55
CA THR B 230 31.26 12.20 5.98
C THR B 230 30.88 13.60 5.48
N PRO B 231 30.21 13.68 4.32
CA PRO B 231 29.78 14.94 3.70
C PRO B 231 29.12 15.90 4.70
N GLY B 232 29.40 17.19 4.54
CA GLY B 232 28.85 18.19 5.43
C GLY B 232 27.36 18.45 5.31
N ARG B 233 26.81 19.17 6.28
CA ARG B 233 25.39 19.50 6.29
C ARG B 233 24.94 20.13 4.98
N ALA B 234 23.70 19.84 4.61
CA ALA B 234 23.12 20.40 3.40
C ALA B 234 22.38 21.67 3.81
N GLU B 235 23.02 22.82 3.60
CA GLU B 235 22.41 24.08 3.94
C GLU B 235 21.30 24.46 2.97
N LEU B 236 20.22 25.01 3.51
CA LEU B 236 19.10 25.45 2.69
C LEU B 236 18.93 26.95 2.85
N LEU B 237 19.32 27.70 1.82
CA LEU B 237 19.21 29.15 1.85
C LEU B 237 17.85 29.51 1.29
N ILE B 238 17.06 30.20 2.08
CA ILE B 238 15.73 30.58 1.66
C ILE B 238 15.33 31.96 2.17
N PRO B 239 15.00 32.88 1.25
CA PRO B 239 15.03 32.62 -0.19
C PRO B 239 16.46 32.51 -0.71
N ALA B 240 16.62 31.92 -1.88
CA ALA B 240 17.95 31.78 -2.49
C ALA B 240 18.46 33.17 -2.85
N PRO B 241 19.77 33.41 -2.68
CA PRO B 241 20.39 34.72 -3.00
C PRO B 241 20.52 34.96 -4.50
N LEU B 242 19.40 35.35 -5.12
CA LEU B 242 19.39 35.61 -6.55
C LEU B 242 18.81 36.98 -6.85
N ASP B 243 19.20 37.56 -7.98
CA ASP B 243 18.64 38.85 -8.35
C ASP B 243 17.20 38.55 -8.74
N PRO B 244 16.29 39.51 -8.56
CA PRO B 244 14.88 39.29 -8.89
C PRO B 244 14.64 38.63 -10.25
N GLY B 245 15.46 38.95 -11.24
CA GLY B 245 15.30 38.39 -12.56
C GLY B 245 15.44 36.87 -12.68
N THR B 246 16.46 36.31 -12.04
CA THR B 246 16.68 34.87 -12.10
C THR B 246 15.63 34.11 -11.30
N GLN B 247 15.28 34.64 -10.13
CA GLN B 247 14.29 34.01 -9.28
C GLN B 247 13.00 33.81 -10.08
N GLU B 248 12.56 34.87 -10.75
CA GLU B 248 11.35 34.80 -11.55
C GLU B 248 11.44 33.80 -12.68
N THR B 249 12.60 33.72 -13.32
CA THR B 249 12.80 32.77 -14.42
C THR B 249 12.70 31.35 -13.91
N VAL B 250 13.27 31.10 -12.73
CA VAL B 250 13.22 29.79 -12.12
C VAL B 250 11.76 29.41 -11.90
N GLN B 251 11.00 30.33 -11.32
CA GLN B 251 9.59 30.11 -11.04
C GLN B 251 8.77 29.86 -12.32
N GLU B 252 8.94 30.72 -13.32
CA GLU B 252 8.20 30.56 -14.57
C GLU B 252 8.52 29.26 -15.28
N LEU B 253 9.80 28.89 -15.31
CA LEU B 253 10.20 27.65 -15.96
C LEU B 253 9.64 26.45 -15.21
N ALA B 254 9.66 26.54 -13.89
CA ALA B 254 9.14 25.46 -13.05
C ALA B 254 7.65 25.28 -13.34
N LEU B 255 6.92 26.38 -13.41
CA LEU B 255 5.49 26.36 -13.65
C LEU B 255 5.16 25.86 -15.06
N LYS B 256 6.01 26.18 -16.03
CA LYS B 256 5.80 25.75 -17.41
C LYS B 256 5.98 24.23 -17.52
N ALA B 257 7.06 23.72 -16.93
CA ALA B 257 7.34 22.30 -16.95
C ALA B 257 6.19 21.54 -16.28
N TYR B 258 5.79 22.06 -15.12
CA TYR B 258 4.71 21.50 -14.32
C TYR B 258 3.47 21.35 -15.20
N LYS B 259 3.12 22.43 -15.89
CA LYS B 259 1.95 22.47 -16.77
C LYS B 259 2.04 21.47 -17.92
N VAL B 260 3.12 21.54 -18.68
CA VAL B 260 3.31 20.65 -19.82
C VAL B 260 3.24 19.18 -19.42
N LEU B 261 3.83 18.84 -18.29
CA LEU B 261 3.82 17.45 -17.83
C LEU B 261 2.51 17.08 -17.13
N GLY B 262 1.68 18.08 -16.86
CA GLY B 262 0.40 17.83 -16.22
C GLY B 262 0.49 17.32 -14.79
N VAL B 263 1.48 17.81 -14.04
CA VAL B 263 1.65 17.39 -12.66
C VAL B 263 0.41 17.87 -11.90
N ARG B 264 -0.07 17.10 -10.94
CA ARG B 264 -1.28 17.48 -10.24
C ARG B 264 -1.25 18.14 -8.87
N GLY B 265 -0.76 17.49 -7.83
CA GLY B 265 -0.83 18.16 -6.54
C GLY B 265 0.34 19.01 -6.10
N MET B 266 1.54 18.48 -6.26
CA MET B 266 2.74 19.18 -5.83
C MET B 266 3.98 18.69 -6.57
N ALA B 267 5.07 19.39 -6.35
CA ALA B 267 6.35 19.04 -6.94
C ALA B 267 7.45 19.98 -6.49
N ARG B 268 8.64 19.43 -6.25
CA ARG B 268 9.78 20.25 -5.93
C ARG B 268 10.57 20.18 -7.23
N VAL B 269 10.77 21.32 -7.88
CA VAL B 269 11.51 21.35 -9.13
C VAL B 269 12.94 21.83 -8.83
N ASP B 270 13.91 21.01 -9.18
CA ASP B 270 15.32 21.31 -8.95
C ASP B 270 16.01 21.83 -10.21
N PHE B 271 16.85 22.86 -10.05
CA PHE B 271 17.59 23.46 -11.17
C PHE B 271 19.08 23.57 -10.88
N PHE B 272 19.85 23.64 -11.96
CA PHE B 272 21.30 23.86 -11.87
C PHE B 272 21.50 25.25 -12.44
N LEU B 273 22.36 26.05 -11.80
CA LEU B 273 22.67 27.40 -12.29
C LEU B 273 24.18 27.43 -12.50
N ALA B 274 24.58 27.39 -13.77
CA ALA B 274 26.00 27.41 -14.13
C ALA B 274 26.26 28.59 -15.05
N GLU B 275 27.21 29.42 -14.65
CA GLU B 275 27.59 30.62 -15.37
C GLU B 275 26.44 31.30 -16.12
N GLY B 276 25.51 31.84 -15.34
CA GLY B 276 24.38 32.57 -15.89
C GLY B 276 23.26 31.75 -16.51
N GLU B 277 23.49 30.47 -16.75
CA GLU B 277 22.46 29.63 -17.37
C GLU B 277 21.72 28.66 -16.42
N LEU B 278 20.40 28.66 -16.55
CA LEU B 278 19.55 27.77 -15.75
C LEU B 278 19.26 26.49 -16.54
N TYR B 279 19.17 25.38 -15.83
CA TYR B 279 18.88 24.10 -16.44
C TYR B 279 17.92 23.38 -15.51
N LEU B 280 16.75 22.97 -16.01
CA LEU B 280 15.81 22.26 -15.16
C LEU B 280 16.39 20.86 -15.01
N ASN B 281 16.77 20.54 -13.78
CA ASN B 281 17.39 19.26 -13.44
C ASN B 281 16.43 18.10 -13.23
N GLU B 282 15.62 18.20 -12.18
CA GLU B 282 14.67 17.14 -11.84
C GLU B 282 13.37 17.69 -11.32
N LEU B 283 12.32 16.91 -11.50
CA LEU B 283 11.00 17.27 -11.01
C LEU B 283 10.59 16.17 -10.03
N ASN B 284 10.62 16.47 -8.73
CA ASN B 284 10.26 15.49 -7.70
C ASN B 284 8.75 15.55 -7.41
N THR B 285 8.02 14.48 -7.76
CA THR B 285 6.57 14.47 -7.54
C THR B 285 6.13 14.18 -6.11
N ILE B 286 6.96 13.51 -5.33
CA ILE B 286 6.63 13.24 -3.95
C ILE B 286 7.81 13.77 -3.14
N PRO B 287 7.77 15.04 -2.75
CA PRO B 287 8.89 15.58 -1.97
C PRO B 287 8.84 15.19 -0.50
N GLY B 288 9.80 15.68 0.27
CA GLY B 288 9.86 15.37 1.69
C GLY B 288 8.97 16.27 2.52
N PHE B 289 8.63 15.81 3.73
CA PHE B 289 7.78 16.57 4.63
C PHE B 289 8.30 16.57 6.07
N THR B 290 9.60 16.41 6.23
CA THR B 290 10.20 16.44 7.56
C THR B 290 10.33 17.93 7.89
N PRO B 291 10.59 18.26 9.16
CA PRO B 291 10.72 19.67 9.52
C PRO B 291 11.93 20.30 8.84
N THR B 292 12.82 19.45 8.33
CA THR B 292 14.03 19.90 7.66
C THR B 292 13.90 19.90 6.12
N SER B 293 12.85 19.28 5.59
CA SER B 293 12.63 19.19 4.15
C SER B 293 12.44 20.54 3.45
N MET B 294 13.07 20.68 2.29
CA MET B 294 12.99 21.90 1.51
C MET B 294 11.58 22.31 1.10
N TYR B 295 10.83 21.38 0.52
CA TYR B 295 9.48 21.70 0.06
C TYR B 295 8.60 22.41 1.08
N PRO B 296 8.36 21.80 2.25
CA PRO B 296 7.52 22.50 3.22
C PRO B 296 8.10 23.84 3.69
N ARG B 297 9.41 23.88 3.88
CA ARG B 297 10.06 25.11 4.31
C ARG B 297 9.89 26.22 3.28
N LEU B 298 9.98 25.84 2.01
CA LEU B 298 9.84 26.81 0.95
C LEU B 298 8.44 27.43 0.97
N PHE B 299 7.42 26.60 1.15
CA PHE B 299 6.06 27.15 1.17
C PHE B 299 5.73 27.92 2.44
N GLU B 300 6.40 27.57 3.54
CA GLU B 300 6.20 28.29 4.78
C GLU B 300 6.64 29.73 4.49
N ALA B 301 7.86 29.85 3.96
CA ALA B 301 8.41 31.16 3.62
C ALA B 301 7.49 31.91 2.67
N GLY B 302 6.73 31.15 1.88
CA GLY B 302 5.80 31.77 0.94
C GLY B 302 4.46 32.09 1.59
N GLY B 303 4.36 31.92 2.90
CA GLY B 303 3.13 32.22 3.60
C GLY B 303 2.14 31.07 3.74
N VAL B 304 2.61 29.85 3.50
CA VAL B 304 1.74 28.68 3.61
C VAL B 304 2.24 27.76 4.72
N ALA B 305 1.61 27.85 5.88
CA ALA B 305 1.97 27.04 7.04
C ALA B 305 1.83 25.56 6.75
N TYR B 306 2.62 24.75 7.45
CA TYR B 306 2.64 23.31 7.26
C TYR B 306 1.24 22.67 7.23
N PRO B 307 0.38 22.97 8.24
CA PRO B 307 -0.97 22.40 8.30
C PRO B 307 -1.83 22.78 7.09
N GLU B 308 -1.76 24.05 6.70
CA GLU B 308 -2.50 24.56 5.56
C GLU B 308 -2.01 23.91 4.28
N LEU B 309 -0.71 23.66 4.20
CA LEU B 309 -0.11 23.02 3.03
C LEU B 309 -0.72 21.63 2.88
N LEU B 310 -0.71 20.87 3.98
CA LEU B 310 -1.26 19.53 3.99
C LEU B 310 -2.76 19.53 3.67
N ARG B 311 -3.48 20.50 4.23
CA ARG B 311 -4.91 20.60 3.96
C ARG B 311 -5.15 20.80 2.47
N ARG B 312 -4.39 21.71 1.87
CA ARG B 312 -4.57 22.00 0.45
C ARG B 312 -4.22 20.81 -0.46
N LEU B 313 -3.21 20.03 -0.10
CA LEU B 313 -2.85 18.89 -0.93
C LEU B 313 -3.98 17.86 -0.93
N VAL B 314 -4.58 17.65 0.23
CA VAL B 314 -5.68 16.72 0.35
C VAL B 314 -6.86 17.19 -0.49
N GLU B 315 -7.18 18.48 -0.39
CA GLU B 315 -8.29 19.04 -1.16
C GLU B 315 -8.07 18.99 -2.66
N LEU B 316 -6.82 19.22 -3.10
CA LEU B 316 -6.50 19.18 -4.53
C LEU B 316 -6.76 17.79 -5.09
N ALA B 317 -6.51 16.77 -4.28
CA ALA B 317 -6.75 15.40 -4.72
C ALA B 317 -8.20 15.21 -5.18
N LEU B 318 -9.12 15.97 -4.58
CA LEU B 318 -10.54 15.84 -4.94
C LEU B 318 -10.98 16.64 -6.16
N THR B 319 -10.13 17.57 -6.62
CA THR B 319 -10.49 18.40 -7.75
C THR B 319 -9.63 18.18 -9.00
N MET C 1 -1.63 -41.48 38.88
CA MET C 1 -1.97 -40.03 38.86
C MET C 1 -0.74 -39.14 38.67
N ARG C 2 -0.44 -38.80 37.42
CA ARG C 2 0.69 -37.95 37.12
C ARG C 2 0.18 -36.61 36.61
N VAL C 3 0.75 -35.53 37.14
CA VAL C 3 0.33 -34.19 36.77
C VAL C 3 1.35 -33.46 35.90
N LEU C 4 0.84 -32.81 34.85
CA LEU C 4 1.67 -32.01 33.97
C LEU C 4 1.41 -30.55 34.34
N LEU C 5 2.47 -29.87 34.74
CA LEU C 5 2.38 -28.46 35.10
C LEU C 5 2.92 -27.62 33.93
N ILE C 6 2.12 -26.68 33.43
CA ILE C 6 2.56 -25.81 32.34
C ILE C 6 2.70 -24.39 32.90
N ALA C 7 3.91 -23.84 32.82
CA ALA C 7 4.15 -22.49 33.34
C ALA C 7 5.01 -21.61 32.43
N GLY C 8 5.06 -20.33 32.75
CA GLY C 8 5.81 -19.37 31.96
C GLY C 8 4.85 -18.52 31.14
N GLY C 9 4.81 -18.76 29.84
CA GLY C 9 3.90 -18.01 28.99
C GLY C 9 4.50 -16.75 28.40
N VAL C 10 3.91 -16.29 27.30
CA VAL C 10 4.39 -15.09 26.62
C VAL C 10 4.00 -13.79 27.32
N SER C 11 2.89 -13.81 28.05
CA SER C 11 2.42 -12.62 28.74
C SER C 11 3.50 -11.97 29.61
N PRO C 12 3.27 -10.73 30.03
CA PRO C 12 4.21 -9.99 30.88
C PRO C 12 4.37 -10.63 32.26
N GLU C 13 3.46 -11.53 32.62
CA GLU C 13 3.52 -12.21 33.91
C GLU C 13 4.27 -13.53 33.83
N HIS C 14 5.16 -13.65 32.85
CA HIS C 14 5.97 -14.85 32.62
C HIS C 14 6.73 -15.26 33.89
N GLU C 15 7.49 -14.32 34.43
CA GLU C 15 8.29 -14.54 35.62
C GLU C 15 7.45 -14.96 36.84
N VAL C 16 6.33 -14.26 37.06
CA VAL C 16 5.45 -14.57 38.18
C VAL C 16 4.92 -16.00 38.05
N SER C 17 4.60 -16.40 36.82
CA SER C 17 4.10 -17.73 36.54
C SER C 17 5.11 -18.78 37.03
N LEU C 18 6.34 -18.66 36.56
CA LEU C 18 7.41 -19.59 36.95
C LEU C 18 7.57 -19.66 38.46
N LEU C 19 7.47 -18.52 39.13
CA LEU C 19 7.60 -18.49 40.59
C LEU C 19 6.45 -19.30 41.21
N SER C 20 5.25 -19.17 40.64
CA SER C 20 4.10 -19.91 41.16
C SER C 20 4.34 -21.39 40.90
N ALA C 21 4.89 -21.69 39.71
CA ALA C 21 5.18 -23.06 39.31
C ALA C 21 6.08 -23.72 40.34
N GLU C 22 7.09 -22.96 40.78
CA GLU C 22 8.03 -23.46 41.78
C GLU C 22 7.33 -23.80 43.10
N GLY C 23 6.41 -22.94 43.52
CA GLY C 23 5.69 -23.18 44.76
C GLY C 23 4.82 -24.43 44.70
N VAL C 24 4.17 -24.64 43.56
CA VAL C 24 3.32 -25.80 43.37
C VAL C 24 4.14 -27.08 43.31
N LEU C 25 5.29 -27.01 42.66
CA LEU C 25 6.18 -28.14 42.51
C LEU C 25 6.72 -28.71 43.83
N ARG C 26 6.96 -27.84 44.81
CA ARG C 26 7.49 -28.31 46.08
C ARG C 26 6.43 -28.62 47.13
N HIS C 27 5.16 -28.62 46.73
CA HIS C 27 4.09 -28.91 47.67
C HIS C 27 3.01 -29.85 47.12
N ILE C 28 2.95 -29.99 45.79
CA ILE C 28 1.95 -30.86 45.17
C ILE C 28 2.21 -32.33 45.54
N PRO C 29 1.20 -33.02 46.10
CA PRO C 29 1.27 -34.41 46.52
C PRO C 29 1.07 -35.45 45.42
N PHE C 30 1.52 -35.13 44.21
CA PHE C 30 1.40 -36.05 43.08
C PHE C 30 2.68 -35.93 42.27
N PRO C 31 3.04 -36.99 41.54
CA PRO C 31 4.26 -36.92 40.71
C PRO C 31 3.95 -35.86 39.64
N THR C 32 4.78 -34.84 39.53
CA THR C 32 4.53 -33.79 38.56
C THR C 32 5.69 -33.42 37.64
N ASP C 33 5.41 -33.33 36.35
CA ASP C 33 6.40 -32.95 35.34
C ASP C 33 6.10 -31.51 34.94
N LEU C 34 7.16 -30.76 34.64
CA LEU C 34 7.01 -29.36 34.24
C LEU C 34 7.32 -29.12 32.77
N ALA C 35 6.46 -28.33 32.13
CA ALA C 35 6.64 -27.96 30.73
C ALA C 35 6.57 -26.44 30.78
N VAL C 36 7.47 -25.77 30.07
CA VAL C 36 7.53 -24.32 30.08
C VAL C 36 7.33 -23.67 28.70
N ILE C 37 6.57 -22.58 28.69
CA ILE C 37 6.33 -21.83 27.46
C ILE C 37 7.23 -20.60 27.57
N ALA C 38 8.25 -20.56 26.72
CA ALA C 38 9.20 -19.45 26.73
C ALA C 38 8.53 -18.16 26.28
N GLN C 39 9.16 -17.03 26.57
CA GLN C 39 8.61 -15.73 26.20
C GLN C 39 8.46 -15.56 24.70
N ASP C 40 9.06 -16.48 23.94
CA ASP C 40 8.97 -16.40 22.48
C ASP C 40 7.90 -17.37 21.95
N GLY C 41 7.19 -18.00 22.87
CA GLY C 41 6.13 -18.93 22.48
C GLY C 41 6.52 -20.38 22.26
N ARG C 42 7.82 -20.67 22.21
CA ARG C 42 8.25 -22.04 22.01
C ARG C 42 8.42 -22.74 23.36
N TRP C 43 8.08 -24.02 23.40
CA TRP C 43 8.12 -24.78 24.64
C TRP C 43 9.47 -25.41 24.95
N LEU C 44 9.68 -25.63 26.25
CA LEU C 44 10.87 -26.27 26.77
C LEU C 44 10.32 -27.44 27.57
N LEU C 45 10.77 -28.64 27.22
CA LEU C 45 10.31 -29.85 27.89
C LEU C 45 11.42 -30.47 28.72
N GLY C 46 11.05 -31.46 29.54
CA GLY C 46 12.01 -32.14 30.38
C GLY C 46 12.93 -31.26 31.21
N GLU C 47 14.22 -31.57 31.19
CA GLU C 47 15.21 -30.83 31.95
C GLU C 47 15.33 -29.36 31.56
N LYS C 48 15.08 -29.07 30.28
CA LYS C 48 15.14 -27.70 29.78
C LYS C 48 14.22 -26.81 30.61
N ALA C 49 12.99 -27.27 30.79
CA ALA C 49 12.00 -26.54 31.57
C ALA C 49 12.49 -26.31 32.99
N LEU C 50 13.09 -27.34 33.59
CA LEU C 50 13.61 -27.24 34.94
C LEU C 50 14.73 -26.22 35.00
N THR C 51 15.57 -26.20 33.96
CA THR C 51 16.67 -25.25 33.89
C THR C 51 16.09 -23.84 33.81
N ALA C 52 15.07 -23.68 32.98
CA ALA C 52 14.41 -22.38 32.82
C ALA C 52 13.80 -21.93 34.14
N LEU C 53 13.20 -22.88 34.86
CA LEU C 53 12.58 -22.58 36.14
C LEU C 53 13.64 -22.03 37.09
N GLU C 54 14.80 -22.66 37.11
CA GLU C 54 15.91 -22.24 37.96
C GLU C 54 16.38 -20.84 37.59
N ALA C 55 16.33 -20.52 36.29
CA ALA C 55 16.76 -19.21 35.82
C ALA C 55 15.73 -18.13 36.12
N LYS C 56 14.47 -18.54 36.30
CA LYS C 56 13.38 -17.62 36.61
C LYS C 56 12.91 -16.87 35.37
N ALA C 57 13.30 -17.36 34.21
CA ALA C 57 12.92 -16.75 32.94
C ALA C 57 13.34 -17.64 31.79
N ALA C 58 12.50 -17.72 30.77
CA ALA C 58 12.78 -18.53 29.59
C ALA C 58 12.51 -17.66 28.37
N PRO C 59 13.50 -16.82 28.00
CA PRO C 59 13.38 -15.93 26.85
C PRO C 59 13.13 -16.69 25.55
N GLU C 60 13.85 -17.77 25.37
CA GLU C 60 13.73 -18.57 24.16
C GLU C 60 13.38 -20.01 24.48
N GLY C 61 12.47 -20.57 23.69
CA GLY C 61 12.06 -21.95 23.88
C GLY C 61 12.72 -22.83 22.84
N GLU C 62 12.25 -24.07 22.72
CA GLU C 62 12.82 -24.99 21.76
C GLU C 62 11.78 -25.52 20.76
N HIS C 63 10.62 -25.89 21.29
CA HIS C 63 9.57 -26.47 20.46
C HIS C 63 8.43 -25.55 20.04
N PRO C 64 8.17 -25.47 18.72
CA PRO C 64 7.10 -24.63 18.21
C PRO C 64 5.79 -25.34 18.56
N PHE C 65 4.78 -24.57 18.93
CA PHE C 65 3.48 -25.15 19.31
C PHE C 65 2.78 -25.81 18.12
N PRO C 66 2.16 -26.99 18.33
CA PRO C 66 2.05 -27.77 19.57
C PRO C 66 3.31 -28.60 19.81
N PRO C 67 3.82 -28.61 21.05
CA PRO C 67 5.03 -29.36 21.41
C PRO C 67 4.93 -30.87 21.27
N PRO C 68 6.08 -31.53 21.10
CA PRO C 68 6.10 -32.99 20.97
C PRO C 68 6.09 -33.56 22.39
N LEU C 69 4.95 -33.43 23.06
CA LEU C 69 4.82 -33.89 24.44
C LEU C 69 3.97 -35.15 24.55
N SER C 70 4.38 -36.06 25.44
CA SER C 70 3.64 -37.31 25.65
C SER C 70 2.43 -37.04 26.53
N TRP C 71 1.35 -36.55 25.92
CA TRP C 71 0.14 -36.22 26.65
C TRP C 71 -0.46 -37.39 27.40
N GLU C 72 -0.45 -38.58 26.79
CA GLU C 72 -1.03 -39.76 27.43
C GLU C 72 -0.38 -40.11 28.77
N ARG C 73 0.81 -39.58 29.03
CA ARG C 73 1.50 -39.84 30.29
C ARG C 73 0.94 -39.03 31.46
N TYR C 74 -0.02 -38.16 31.19
CA TYR C 74 -0.58 -37.34 32.25
C TYR C 74 -2.10 -37.50 32.38
N ASP C 75 -2.57 -37.53 33.62
CA ASP C 75 -4.00 -37.69 33.88
C ASP C 75 -4.68 -36.35 34.07
N VAL C 76 -3.89 -35.36 34.47
CA VAL C 76 -4.41 -34.02 34.70
C VAL C 76 -3.39 -32.99 34.31
N VAL C 77 -3.83 -31.94 33.62
CA VAL C 77 -2.93 -30.86 33.25
C VAL C 77 -3.33 -29.65 34.09
N PHE C 78 -2.31 -28.98 34.65
CA PHE C 78 -2.51 -27.81 35.49
C PHE C 78 -1.91 -26.61 34.75
N PRO C 79 -2.73 -25.87 33.99
CA PRO C 79 -2.21 -24.69 33.27
C PRO C 79 -2.02 -23.53 34.23
N LEU C 80 -0.78 -23.18 34.51
CA LEU C 80 -0.47 -22.11 35.43
C LEU C 80 0.09 -20.89 34.68
N LEU C 81 -0.62 -20.48 33.63
CA LEU C 81 -0.21 -19.33 32.83
C LEU C 81 -1.18 -18.18 33.08
N HIS C 82 -0.69 -16.94 33.07
CA HIS C 82 -1.55 -15.78 33.28
C HIS C 82 -1.73 -14.93 32.02
N GLY C 83 -2.77 -14.10 32.02
CA GLY C 83 -3.03 -13.23 30.88
C GLY C 83 -3.26 -13.87 29.53
N ARG C 84 -2.74 -13.22 28.49
CA ARG C 84 -2.89 -13.71 27.12
C ARG C 84 -2.34 -15.14 27.05
N PHE C 85 -3.08 -16.01 26.36
CA PHE C 85 -2.70 -17.40 26.21
C PHE C 85 -2.46 -18.11 27.54
N GLY C 86 -3.18 -17.67 28.57
CA GLY C 86 -3.02 -18.27 29.88
C GLY C 86 -4.37 -18.41 30.55
N GLU C 87 -5.01 -17.28 30.83
CA GLU C 87 -6.32 -17.26 31.46
C GLU C 87 -7.43 -16.92 30.48
N ASP C 88 -7.13 -16.86 29.19
CA ASP C 88 -8.15 -16.46 28.21
C ASP C 88 -8.96 -17.53 27.49
N GLY C 89 -8.82 -18.79 27.89
CA GLY C 89 -9.58 -19.84 27.25
C GLY C 89 -8.87 -20.54 26.10
N THR C 90 -7.77 -19.96 25.65
CA THR C 90 -7.02 -20.52 24.53
C THR C 90 -6.33 -21.85 24.85
N VAL C 91 -5.50 -21.89 25.88
CA VAL C 91 -4.84 -23.12 26.27
C VAL C 91 -5.88 -24.13 26.74
N GLN C 92 -6.95 -23.63 27.35
CA GLN C 92 -8.02 -24.49 27.84
C GLN C 92 -8.70 -25.17 26.65
N GLY C 93 -8.93 -24.41 25.59
CA GLY C 93 -9.57 -24.99 24.41
C GLY C 93 -8.70 -26.08 23.79
N PHE C 94 -7.39 -25.89 23.86
CA PHE C 94 -6.43 -26.85 23.34
C PHE C 94 -6.55 -28.16 24.13
N LEU C 95 -6.52 -28.04 25.45
CA LEU C 95 -6.64 -29.20 26.32
C LEU C 95 -7.98 -29.92 26.13
N GLU C 96 -9.02 -29.17 25.80
CA GLU C 96 -10.35 -29.77 25.57
C GLU C 96 -10.29 -30.63 24.32
N LEU C 97 -9.56 -30.16 23.31
CA LEU C 97 -9.42 -30.91 22.06
C LEU C 97 -8.56 -32.14 22.30
N LEU C 98 -7.58 -32.02 23.20
CA LEU C 98 -6.71 -33.14 23.52
C LEU C 98 -7.45 -34.15 24.40
N GLY C 99 -8.59 -33.75 24.96
CA GLY C 99 -9.36 -34.63 25.80
C GLY C 99 -8.74 -34.82 27.18
N LYS C 100 -7.90 -33.86 27.57
CA LYS C 100 -7.22 -33.92 28.85
C LYS C 100 -7.90 -33.16 29.97
N PRO C 101 -8.12 -33.81 31.11
CA PRO C 101 -8.76 -33.12 32.24
C PRO C 101 -7.74 -32.06 32.66
N TYR C 102 -8.22 -30.89 33.06
CA TYR C 102 -7.30 -29.84 33.49
C TYR C 102 -7.85 -29.01 34.65
N VAL C 103 -6.94 -28.37 35.36
CA VAL C 103 -7.26 -27.54 36.52
C VAL C 103 -7.76 -26.14 36.13
N GLY C 104 -8.73 -25.64 36.89
CA GLY C 104 -9.25 -24.30 36.64
C GLY C 104 -10.43 -24.16 35.70
N ALA C 105 -10.84 -22.90 35.51
CA ALA C 105 -11.98 -22.57 34.67
C ALA C 105 -11.79 -23.06 33.23
N GLY C 106 -12.92 -23.37 32.59
CA GLY C 106 -12.90 -23.83 31.22
C GLY C 106 -12.76 -22.67 30.24
N VAL C 107 -13.04 -22.95 28.97
CA VAL C 107 -12.95 -21.97 27.90
C VAL C 107 -13.88 -20.77 28.06
N ALA C 108 -15.17 -21.02 28.26
CA ALA C 108 -16.13 -19.92 28.40
C ALA C 108 -15.86 -19.06 29.62
N ALA C 109 -15.68 -19.68 30.78
CA ALA C 109 -15.43 -18.92 32.00
C ALA C 109 -14.15 -18.09 31.90
N SER C 110 -13.09 -18.69 31.36
CA SER C 110 -11.80 -17.99 31.24
C SER C 110 -11.87 -16.79 30.30
N ALA C 111 -12.38 -17.01 29.09
CA ALA C 111 -12.50 -15.93 28.11
C ALA C 111 -13.36 -14.81 28.69
N LEU C 112 -14.48 -15.17 29.31
CA LEU C 112 -15.40 -14.19 29.90
C LEU C 112 -14.76 -13.39 31.05
N CYS C 113 -14.10 -14.08 31.97
CA CYS C 113 -13.48 -13.40 33.11
C CYS C 113 -12.30 -12.55 32.69
N MET C 114 -11.81 -12.77 31.47
CA MET C 114 -10.68 -12.02 30.95
C MET C 114 -11.15 -10.78 30.18
N ASP C 115 -12.45 -10.68 29.92
CA ASP C 115 -13.00 -9.54 29.20
C ASP C 115 -13.64 -8.60 30.21
N LYS C 116 -13.00 -7.46 30.44
CA LYS C 116 -13.49 -6.48 31.39
C LYS C 116 -14.89 -5.95 31.09
N ASP C 117 -15.30 -6.00 29.83
CA ASP C 117 -16.62 -5.52 29.49
C ASP C 117 -17.69 -6.58 29.61
N LEU C 118 -17.52 -7.68 28.88
CA LEU C 118 -18.49 -8.77 28.91
C LEU C 118 -18.68 -9.37 30.30
N SER C 119 -17.62 -9.43 31.10
CA SER C 119 -17.75 -9.99 32.44
C SER C 119 -18.64 -9.11 33.30
N LYS C 120 -18.49 -7.79 33.18
CA LYS C 120 -19.32 -6.85 33.95
C LYS C 120 -20.77 -6.86 33.49
N ARG C 121 -21.00 -7.05 32.20
CA ARG C 121 -22.37 -7.09 31.69
C ARG C 121 -23.09 -8.26 32.35
N VAL C 122 -22.47 -9.45 32.31
CA VAL C 122 -23.07 -10.62 32.92
C VAL C 122 -23.30 -10.43 34.41
N LEU C 123 -22.29 -9.94 35.12
CA LEU C 123 -22.40 -9.75 36.56
C LEU C 123 -23.46 -8.72 36.92
N ALA C 124 -23.50 -7.63 36.17
CA ALA C 124 -24.49 -6.57 36.41
C ALA C 124 -25.90 -7.12 36.22
N GLN C 125 -26.12 -7.91 35.18
CA GLN C 125 -27.46 -8.41 34.97
C GLN C 125 -27.85 -9.49 35.98
N ALA C 126 -26.85 -10.09 36.64
CA ALA C 126 -27.11 -11.11 37.65
C ALA C 126 -27.31 -10.41 38.99
N GLY C 127 -27.09 -9.11 39.01
CA GLY C 127 -27.27 -8.35 40.23
C GLY C 127 -26.03 -8.21 41.10
N VAL C 128 -24.88 -8.56 40.56
CA VAL C 128 -23.63 -8.43 41.31
C VAL C 128 -23.13 -7.00 41.11
N PRO C 129 -22.81 -6.31 42.20
CA PRO C 129 -22.33 -4.92 42.04
C PRO C 129 -20.94 -4.81 41.42
N VAL C 130 -20.81 -3.91 40.45
CA VAL C 130 -19.54 -3.66 39.80
C VAL C 130 -19.39 -2.15 39.66
N VAL C 131 -18.16 -1.69 39.46
CA VAL C 131 -17.92 -0.26 39.35
C VAL C 131 -18.53 0.29 38.05
N PRO C 132 -19.11 1.50 38.11
CA PRO C 132 -19.70 2.10 36.91
C PRO C 132 -18.68 2.06 35.77
N TRP C 133 -19.15 1.74 34.57
CA TRP C 133 -18.24 1.65 33.44
C TRP C 133 -18.99 1.71 32.13
N VAL C 134 -18.22 1.80 31.04
CA VAL C 134 -18.78 1.83 29.70
C VAL C 134 -17.70 1.28 28.77
N ALA C 135 -18.11 0.69 27.66
CA ALA C 135 -17.17 0.15 26.71
C ALA C 135 -17.02 1.11 25.52
N VAL C 136 -15.80 1.24 25.02
CA VAL C 136 -15.51 2.12 23.88
C VAL C 136 -14.68 1.34 22.86
N ARG C 137 -15.21 1.18 21.66
CA ARG C 137 -14.49 0.47 20.62
C ARG C 137 -13.76 1.50 19.76
N LYS C 138 -12.56 1.18 19.32
CA LYS C 138 -11.78 2.10 18.51
C LYS C 138 -12.63 2.61 17.35
N GLY C 139 -12.80 3.92 17.29
CA GLY C 139 -13.59 4.53 16.24
C GLY C 139 -14.84 5.19 16.80
N GLU C 140 -15.48 4.52 17.77
CA GLU C 140 -16.68 5.08 18.38
C GLU C 140 -16.35 6.32 19.22
N PRO C 141 -17.23 7.32 19.20
CA PRO C 141 -16.96 8.53 19.98
C PRO C 141 -17.24 8.23 21.46
N PRO C 142 -16.28 8.59 22.33
CA PRO C 142 -16.39 8.37 23.78
C PRO C 142 -17.68 8.91 24.38
N VAL C 143 -18.34 8.08 25.19
CA VAL C 143 -19.59 8.48 25.83
C VAL C 143 -19.55 8.02 27.29
N VAL C 144 -18.81 8.76 28.10
CA VAL C 144 -18.67 8.44 29.52
C VAL C 144 -19.74 9.16 30.33
N PRO C 145 -20.74 8.42 30.82
CA PRO C 145 -21.85 8.97 31.62
C PRO C 145 -21.45 9.44 33.01
N PHE C 146 -20.16 9.49 33.29
CA PHE C 146 -19.67 9.95 34.59
C PHE C 146 -18.43 10.82 34.46
N ASP C 147 -18.16 11.58 35.51
CA ASP C 147 -17.02 12.48 35.54
C ASP C 147 -15.77 11.79 36.03
N PRO C 148 -14.60 12.38 35.74
CA PRO C 148 -13.32 11.82 36.18
C PRO C 148 -13.28 11.93 37.70
N PRO C 149 -12.31 11.28 38.36
CA PRO C 149 -11.25 10.45 37.77
C PRO C 149 -11.79 9.09 37.33
N PHE C 150 -11.18 8.54 36.28
CA PHE C 150 -11.58 7.23 35.80
C PHE C 150 -10.43 6.56 35.07
N PHE C 151 -10.42 5.23 35.09
CA PHE C 151 -9.37 4.48 34.44
C PHE C 151 -9.80 4.12 33.03
N VAL C 152 -8.82 4.04 32.13
CA VAL C 152 -9.07 3.67 30.75
C VAL C 152 -8.13 2.53 30.46
N LYS C 153 -8.67 1.42 29.97
CA LYS C 153 -7.83 0.28 29.70
C LYS C 153 -8.31 -0.68 28.64
N PRO C 154 -7.38 -1.41 28.03
CA PRO C 154 -7.74 -2.39 27.00
C PRO C 154 -8.66 -3.40 27.68
N ALA C 155 -9.74 -3.75 27.00
CA ALA C 155 -10.74 -4.66 27.54
C ALA C 155 -10.34 -6.11 27.88
N ASN C 156 -9.61 -6.78 27.00
CA ASN C 156 -9.24 -8.17 27.25
C ASN C 156 -7.77 -8.54 27.35
N THR C 157 -6.94 -7.61 27.79
CA THR C 157 -5.51 -7.89 27.94
C THR C 157 -5.25 -8.46 29.33
N GLY C 158 -4.12 -9.13 29.48
CA GLY C 158 -3.80 -9.73 30.77
C GLY C 158 -3.30 -8.79 31.86
N SER C 159 -2.54 -7.77 31.50
CA SER C 159 -2.00 -6.88 32.52
C SER C 159 -2.42 -5.42 32.49
N SER C 160 -1.64 -4.62 33.20
CA SER C 160 -1.87 -3.19 33.33
C SER C 160 -1.30 -2.35 32.18
N VAL C 161 -0.72 -3.02 31.19
CA VAL C 161 -0.15 -2.31 30.06
C VAL C 161 -1.30 -1.61 29.33
N GLY C 162 -1.19 -0.29 29.17
CA GLY C 162 -2.22 0.46 28.48
C GLY C 162 -3.18 1.21 29.39
N ILE C 163 -3.21 0.85 30.67
CA ILE C 163 -4.09 1.49 31.64
C ILE C 163 -3.64 2.93 31.93
N SER C 164 -4.60 3.82 32.04
CA SER C 164 -4.29 5.22 32.32
C SER C 164 -5.31 5.80 33.29
N ARG C 165 -4.82 6.55 34.28
CA ARG C 165 -5.69 7.20 35.25
C ARG C 165 -5.99 8.58 34.66
N VAL C 166 -7.23 8.80 34.25
CA VAL C 166 -7.62 10.06 33.66
C VAL C 166 -8.24 11.00 34.69
N GLU C 167 -7.56 12.12 34.96
CA GLU C 167 -8.04 13.11 35.93
C GLU C 167 -8.90 14.18 35.27
N ARG C 168 -8.65 14.44 34.00
CA ARG C 168 -9.37 15.46 33.24
C ARG C 168 -10.02 14.90 31.97
N PHE C 169 -11.17 15.46 31.61
CA PHE C 169 -11.89 15.01 30.44
C PHE C 169 -11.16 15.27 29.12
N GLN C 170 -10.09 16.06 29.16
CA GLN C 170 -9.34 16.36 27.95
C GLN C 170 -8.37 15.25 27.60
N ASP C 171 -7.78 14.64 28.62
CA ASP C 171 -6.80 13.58 28.40
C ASP C 171 -7.43 12.22 28.06
N LEU C 172 -8.74 12.21 27.85
CA LEU C 172 -9.44 10.96 27.53
C LEU C 172 -9.13 10.41 26.15
N GLU C 173 -8.98 11.30 25.18
CA GLU C 173 -8.69 10.88 23.81
C GLU C 173 -7.34 10.16 23.74
N ALA C 174 -6.33 10.75 24.37
CA ALA C 174 -4.99 10.16 24.38
C ALA C 174 -4.95 8.86 25.17
N ALA C 175 -5.78 8.76 26.21
CA ALA C 175 -5.82 7.56 27.02
C ALA C 175 -6.36 6.40 26.18
N LEU C 176 -7.42 6.67 25.42
CA LEU C 176 -8.04 5.67 24.56
C LEU C 176 -7.09 5.24 23.44
N ALA C 177 -6.43 6.21 22.82
CA ALA C 177 -5.50 5.91 21.73
C ALA C 177 -4.44 4.95 22.24
N LEU C 178 -3.96 5.20 23.46
CA LEU C 178 -2.96 4.35 24.07
C LEU C 178 -3.50 2.95 24.32
N ALA C 179 -4.69 2.87 24.91
CA ALA C 179 -5.32 1.59 25.19
C ALA C 179 -5.59 0.84 23.89
N PHE C 180 -6.07 1.57 22.89
CA PHE C 180 -6.39 1.00 21.59
C PHE C 180 -5.21 0.34 20.85
N ARG C 181 -4.02 0.46 21.42
CA ARG C 181 -2.83 -0.14 20.80
C ARG C 181 -2.57 -1.53 21.35
N TYR C 182 -3.43 -1.97 22.26
CA TYR C 182 -3.31 -3.28 22.88
C TYR C 182 -4.58 -4.10 22.64
N ASP C 183 -5.70 -3.41 22.47
CA ASP C 183 -6.98 -4.07 22.23
C ASP C 183 -7.90 -3.14 21.43
N GLU C 184 -8.71 -3.73 20.55
CA GLU C 184 -9.64 -2.98 19.72
C GLU C 184 -10.69 -2.32 20.60
N LYS C 185 -11.00 -2.97 21.72
CA LYS C 185 -12.00 -2.49 22.67
C LYS C 185 -11.36 -2.07 23.99
N ALA C 186 -11.89 -0.99 24.55
CA ALA C 186 -11.38 -0.49 25.82
C ALA C 186 -12.55 -0.24 26.77
N VAL C 187 -12.23 -0.11 28.06
CA VAL C 187 -13.26 0.17 29.04
C VAL C 187 -12.88 1.40 29.85
N VAL C 188 -13.88 2.17 30.25
CA VAL C 188 -13.64 3.34 31.07
C VAL C 188 -14.33 3.07 32.40
N GLU C 189 -13.53 2.95 33.46
CA GLU C 189 -14.08 2.64 34.79
C GLU C 189 -13.98 3.77 35.78
N LYS C 190 -15.10 4.10 36.41
CA LYS C 190 -15.11 5.17 37.40
C LYS C 190 -14.10 4.80 38.48
N ALA C 191 -13.20 5.72 38.80
CA ALA C 191 -12.20 5.46 39.83
C ALA C 191 -12.79 5.82 41.19
N LEU C 192 -12.48 5.01 42.21
CA LEU C 192 -13.00 5.27 43.55
C LEU C 192 -11.91 5.66 44.53
N SER C 193 -12.20 6.64 45.37
CA SER C 193 -11.24 7.10 46.37
C SER C 193 -11.99 7.84 47.47
N PRO C 194 -11.73 7.50 48.74
CA PRO C 194 -10.79 6.46 49.22
C PRO C 194 -11.35 5.08 48.88
N VAL C 195 -10.49 4.07 48.90
CA VAL C 195 -10.93 2.71 48.57
C VAL C 195 -10.04 1.66 49.24
N ARG C 196 -10.65 0.53 49.60
CA ARG C 196 -9.93 -0.57 50.22
C ARG C 196 -10.02 -1.76 49.27
N GLU C 197 -8.96 -2.57 49.24
CA GLU C 197 -8.92 -3.73 48.36
C GLU C 197 -9.08 -5.03 49.16
N LEU C 198 -10.13 -5.78 48.83
CA LEU C 198 -10.39 -7.04 49.50
C LEU C 198 -10.32 -8.20 48.52
N GLU C 199 -9.82 -9.35 48.98
CA GLU C 199 -9.71 -10.52 48.12
C GLU C 199 -10.18 -11.78 48.86
N VAL C 200 -10.83 -12.68 48.13
CA VAL C 200 -11.31 -13.91 48.74
C VAL C 200 -11.14 -15.05 47.75
N GLY C 201 -10.73 -16.21 48.26
CA GLY C 201 -10.52 -17.36 47.41
C GLY C 201 -11.72 -18.27 47.32
N VAL C 202 -11.90 -18.90 46.16
CA VAL C 202 -13.00 -19.82 45.96
C VAL C 202 -12.43 -21.14 45.47
N LEU C 203 -12.98 -22.23 45.96
CA LEU C 203 -12.52 -23.57 45.60
C LEU C 203 -13.72 -24.47 45.34
N GLY C 204 -13.68 -25.16 44.21
CA GLY C 204 -14.77 -26.07 43.87
C GLY C 204 -15.27 -25.87 42.45
N ASN C 205 -16.13 -26.77 41.99
CA ASN C 205 -16.69 -26.68 40.65
C ASN C 205 -18.08 -26.05 40.68
N VAL C 206 -18.14 -24.82 40.17
CA VAL C 206 -19.38 -24.04 40.07
C VAL C 206 -19.94 -23.59 41.42
N PHE C 207 -20.18 -24.54 42.31
CA PHE C 207 -20.67 -24.21 43.63
C PHE C 207 -19.42 -24.27 44.49
N GLY C 208 -18.83 -23.11 44.72
CA GLY C 208 -17.60 -23.08 45.47
C GLY C 208 -17.70 -22.95 46.98
N GLU C 209 -16.54 -23.03 47.59
CA GLU C 209 -16.39 -22.88 49.03
C GLU C 209 -15.50 -21.64 49.13
N ALA C 210 -15.93 -20.66 49.93
CA ALA C 210 -15.17 -19.43 50.10
C ALA C 210 -14.22 -19.48 51.28
N SER C 211 -13.02 -18.92 51.07
CA SER C 211 -12.01 -18.85 52.09
C SER C 211 -12.30 -17.59 52.89
N PRO C 212 -11.54 -17.37 53.98
CA PRO C 212 -11.78 -16.15 54.76
C PRO C 212 -11.39 -14.99 53.84
N VAL C 213 -11.89 -13.79 54.15
CA VAL C 213 -11.56 -12.62 53.33
C VAL C 213 -10.22 -12.01 53.75
N GLY C 214 -9.43 -11.58 52.77
CA GLY C 214 -8.16 -10.93 53.07
C GLY C 214 -8.14 -9.53 52.48
N GLU C 215 -7.23 -8.69 52.96
CA GLU C 215 -7.12 -7.32 52.44
C GLU C 215 -5.68 -6.95 52.08
N VAL C 216 -5.51 -6.15 51.03
CA VAL C 216 -4.17 -5.71 50.66
C VAL C 216 -3.98 -4.22 50.93
N ARG C 217 -2.89 -3.92 51.62
CA ARG C 217 -2.52 -2.54 51.96
C ARG C 217 -1.17 -2.30 51.30
N TYR C 218 -0.88 -1.04 51.02
CA TYR C 218 0.39 -0.67 50.39
C TYR C 218 1.20 0.20 51.33
N GLU C 219 2.43 -0.21 51.59
CA GLU C 219 3.30 0.55 52.46
C GLU C 219 3.83 1.78 51.74
N ALA C 220 4.48 2.66 52.49
CA ALA C 220 5.02 3.88 51.94
C ALA C 220 6.15 3.64 50.93
N PRO C 221 6.32 4.56 49.96
CA PRO C 221 7.36 4.48 48.92
C PRO C 221 8.72 4.93 49.46
N ARG C 233 5.38 -1.34 48.83
CA ARG C 233 5.13 -2.79 48.55
C ARG C 233 3.83 -3.28 49.16
N ALA C 234 3.28 -4.35 48.59
CA ALA C 234 2.03 -4.93 49.05
C ALA C 234 2.12 -5.61 50.41
N GLU C 235 1.02 -5.52 51.16
CA GLU C 235 0.93 -6.10 52.49
C GLU C 235 -0.39 -6.88 52.52
N LEU C 236 -0.36 -8.11 53.02
CA LEU C 236 -1.58 -8.90 53.07
C LEU C 236 -2.08 -9.05 54.51
N LEU C 237 -3.32 -8.63 54.74
CA LEU C 237 -3.94 -8.69 56.05
C LEU C 237 -4.93 -9.85 56.10
N ILE C 238 -4.56 -10.91 56.81
CA ILE C 238 -5.42 -12.09 56.93
C ILE C 238 -5.71 -12.39 58.39
N PRO C 239 -6.98 -12.31 58.80
CA PRO C 239 -8.10 -11.96 57.92
C PRO C 239 -8.26 -10.44 57.83
N ALA C 240 -9.08 -9.98 56.89
CA ALA C 240 -9.30 -8.55 56.71
C ALA C 240 -10.06 -7.93 57.89
N PRO C 241 -9.60 -6.77 58.39
CA PRO C 241 -10.30 -6.14 59.52
C PRO C 241 -11.64 -5.61 59.00
N LEU C 242 -12.66 -6.47 59.08
CA LEU C 242 -14.00 -6.13 58.60
C LEU C 242 -15.08 -6.53 59.59
N ASP C 243 -16.22 -5.85 59.51
CA ASP C 243 -17.36 -6.16 60.36
C ASP C 243 -17.83 -7.52 59.87
N PRO C 244 -18.55 -8.27 60.72
CA PRO C 244 -19.04 -9.61 60.35
C PRO C 244 -19.88 -9.64 59.06
N GLY C 245 -20.88 -8.78 58.97
CA GLY C 245 -21.74 -8.74 57.80
C GLY C 245 -20.99 -8.52 56.50
N THR C 246 -20.03 -7.60 56.54
CA THR C 246 -19.24 -7.27 55.37
C THR C 246 -18.51 -8.50 54.84
N GLN C 247 -17.80 -9.18 55.74
CA GLN C 247 -17.05 -10.37 55.36
C GLN C 247 -17.96 -11.40 54.69
N GLU C 248 -19.15 -11.61 55.25
CA GLU C 248 -20.09 -12.58 54.70
C GLU C 248 -20.62 -12.17 53.34
N THR C 249 -20.89 -10.87 53.17
CA THR C 249 -21.40 -10.36 51.91
C THR C 249 -20.34 -10.55 50.84
N VAL C 250 -19.08 -10.31 51.18
CA VAL C 250 -17.98 -10.48 50.25
C VAL C 250 -17.96 -11.91 49.75
N GLN C 251 -17.97 -12.84 50.70
CA GLN C 251 -17.97 -14.26 50.40
C GLN C 251 -19.20 -14.63 49.57
N GLU C 252 -20.36 -14.12 49.96
CA GLU C 252 -21.59 -14.40 49.25
C GLU C 252 -21.54 -13.93 47.79
N LEU C 253 -21.11 -12.69 47.58
CA LEU C 253 -21.02 -12.15 46.22
C LEU C 253 -20.05 -12.95 45.38
N ALA C 254 -18.89 -13.28 45.95
CA ALA C 254 -17.88 -14.05 45.23
C ALA C 254 -18.46 -15.39 44.79
N LEU C 255 -19.14 -16.07 45.70
CA LEU C 255 -19.75 -17.36 45.38
C LEU C 255 -20.84 -17.23 44.30
N LYS C 256 -21.61 -16.16 44.36
CA LYS C 256 -22.66 -15.94 43.37
C LYS C 256 -22.05 -15.69 41.99
N ALA C 257 -21.07 -14.79 41.95
CA ALA C 257 -20.40 -14.49 40.68
C ALA C 257 -19.78 -15.77 40.12
N TYR C 258 -19.10 -16.50 41.00
CA TYR C 258 -18.42 -17.75 40.64
C TYR C 258 -19.43 -18.73 40.02
N LYS C 259 -20.60 -18.83 40.63
CA LYS C 259 -21.65 -19.73 40.13
C LYS C 259 -22.26 -19.27 38.80
N VAL C 260 -22.59 -17.99 38.70
CA VAL C 260 -23.18 -17.46 37.47
C VAL C 260 -22.21 -17.61 36.29
N LEU C 261 -20.92 -17.37 36.55
CA LEU C 261 -19.92 -17.46 35.49
C LEU C 261 -19.50 -18.92 35.19
N GLY C 262 -19.94 -19.86 36.01
CA GLY C 262 -19.58 -21.26 35.77
C GLY C 262 -18.12 -21.62 35.98
N VAL C 263 -17.43 -20.89 36.86
CA VAL C 263 -16.02 -21.16 37.12
C VAL C 263 -15.89 -22.57 37.68
N ARG C 264 -14.79 -23.25 37.38
CA ARG C 264 -14.63 -24.63 37.83
C ARG C 264 -13.63 -25.03 38.89
N GLY C 265 -12.37 -24.66 38.79
CA GLY C 265 -11.47 -25.13 39.84
C GLY C 265 -11.23 -24.22 41.03
N MET C 266 -10.87 -22.98 40.72
CA MET C 266 -10.58 -21.99 41.73
C MET C 266 -10.74 -20.58 41.16
N ALA C 267 -10.49 -19.60 42.02
CA ALA C 267 -10.54 -18.21 41.64
C ALA C 267 -10.30 -17.33 42.85
N ARG C 268 -9.55 -16.26 42.63
CA ARG C 268 -9.33 -15.29 43.67
C ARG C 268 -10.20 -14.15 43.15
N VAL C 269 -11.23 -13.80 43.91
CA VAL C 269 -12.14 -12.73 43.51
C VAL C 269 -11.76 -11.46 44.26
N ASP C 270 -11.51 -10.38 43.50
CA ASP C 270 -11.09 -9.11 44.07
C ASP C 270 -12.22 -8.09 44.15
N PHE C 271 -12.33 -7.41 45.27
CA PHE C 271 -13.37 -6.40 45.47
C PHE C 271 -12.79 -5.07 45.89
N PHE C 272 -13.59 -4.01 45.71
CA PHE C 272 -13.21 -2.68 46.15
C PHE C 272 -14.26 -2.37 47.19
N LEU C 273 -13.84 -1.71 48.28
CA LEU C 273 -14.74 -1.31 49.33
C LEU C 273 -14.61 0.20 49.45
N ALA C 274 -15.65 0.91 49.05
CA ALA C 274 -15.66 2.36 49.10
C ALA C 274 -16.99 2.84 49.70
N GLU C 275 -16.88 3.61 50.77
CA GLU C 275 -18.06 4.13 51.45
C GLU C 275 -19.04 3.03 51.82
N GLY C 276 -18.51 1.95 52.39
CA GLY C 276 -19.36 0.84 52.80
C GLY C 276 -20.00 0.06 51.68
N GLU C 277 -19.66 0.40 50.44
CA GLU C 277 -20.21 -0.31 49.30
C GLU C 277 -19.20 -1.29 48.74
N LEU C 278 -19.66 -2.46 48.31
CA LEU C 278 -18.78 -3.45 47.72
C LEU C 278 -18.92 -3.48 46.21
N TYR C 279 -17.80 -3.67 45.51
CA TYR C 279 -17.80 -3.74 44.05
C TYR C 279 -16.89 -4.89 43.64
N LEU C 280 -17.43 -5.83 42.88
CA LEU C 280 -16.62 -6.95 42.42
C LEU C 280 -15.76 -6.35 41.31
N ASN C 281 -14.46 -6.35 41.56
CA ASN C 281 -13.48 -5.77 40.65
C ASN C 281 -12.99 -6.75 39.61
N GLU C 282 -12.45 -7.87 40.05
CA GLU C 282 -11.93 -8.85 39.11
C GLU C 282 -12.02 -10.28 39.63
N LEU C 283 -12.17 -11.21 38.70
CA LEU C 283 -12.22 -12.62 39.03
C LEU C 283 -11.03 -13.25 38.32
N ASN C 284 -10.00 -13.57 39.09
CA ASN C 284 -8.79 -14.19 38.53
C ASN C 284 -8.94 -15.72 38.52
N THR C 285 -8.89 -16.32 37.34
CA THR C 285 -9.05 -17.77 37.22
C THR C 285 -7.77 -18.55 37.52
N ILE C 286 -6.63 -17.88 37.49
CA ILE C 286 -5.37 -18.53 37.80
C ILE C 286 -4.60 -17.60 38.72
N PRO C 287 -4.84 -17.72 40.03
CA PRO C 287 -4.19 -16.90 41.05
C PRO C 287 -2.73 -17.27 41.27
N GLY C 288 -2.12 -16.64 42.27
CA GLY C 288 -0.73 -16.92 42.59
C GLY C 288 -0.59 -18.16 43.46
N PHE C 289 0.51 -18.89 43.28
CA PHE C 289 0.74 -20.10 44.04
C PHE C 289 2.08 -20.06 44.75
N THR C 290 2.55 -18.83 44.98
CA THR C 290 3.79 -18.54 45.67
C THR C 290 3.54 -18.65 47.17
N PRO C 291 4.58 -18.99 47.96
CA PRO C 291 4.35 -19.10 49.40
C PRO C 291 3.81 -17.81 49.99
N THR C 292 3.96 -16.71 49.26
CA THR C 292 3.51 -15.41 49.72
C THR C 292 2.19 -14.97 49.07
N SER C 293 1.68 -15.78 48.15
CA SER C 293 0.44 -15.46 47.42
C SER C 293 -0.82 -15.50 48.28
N MET C 294 -1.71 -14.54 48.04
CA MET C 294 -2.96 -14.43 48.77
C MET C 294 -3.84 -15.69 48.73
N TYR C 295 -4.07 -16.26 47.54
CA TYR C 295 -4.93 -17.42 47.44
C TYR C 295 -4.55 -18.57 48.39
N PRO C 296 -3.32 -19.11 48.27
CA PRO C 296 -2.99 -20.19 49.20
C PRO C 296 -3.02 -19.80 50.68
N ARG C 297 -2.58 -18.58 50.99
CA ARG C 297 -2.58 -18.13 52.37
C ARG C 297 -4.00 -18.00 52.92
N LEU C 298 -4.92 -17.52 52.10
CA LEU C 298 -6.30 -17.37 52.54
C LEU C 298 -6.86 -18.76 52.90
N PHE C 299 -6.61 -19.74 52.03
CA PHE C 299 -7.12 -21.07 52.30
C PHE C 299 -6.42 -21.75 53.47
N GLU C 300 -5.17 -21.40 53.72
CA GLU C 300 -4.46 -21.96 54.87
C GLU C 300 -5.13 -21.40 56.12
N ALA C 301 -5.50 -20.12 56.07
CA ALA C 301 -6.16 -19.49 57.19
C ALA C 301 -7.53 -20.13 57.32
N GLY C 302 -8.02 -20.69 56.22
CA GLY C 302 -9.32 -21.34 56.24
C GLY C 302 -9.23 -22.78 56.72
N GLY C 303 -8.03 -23.22 57.08
CA GLY C 303 -7.87 -24.56 57.57
C GLY C 303 -7.48 -25.59 56.53
N VAL C 304 -7.09 -25.15 55.35
CA VAL C 304 -6.69 -26.06 54.28
C VAL C 304 -5.19 -25.94 54.00
N ALA C 305 -4.44 -26.99 54.31
CA ALA C 305 -2.99 -27.00 54.08
C ALA C 305 -2.69 -26.86 52.60
N TYR C 306 -1.63 -26.12 52.26
CA TYR C 306 -1.29 -25.90 50.86
C TYR C 306 -1.28 -27.21 50.07
N PRO C 307 -0.64 -28.26 50.60
CA PRO C 307 -0.60 -29.54 49.87
C PRO C 307 -2.01 -30.06 49.60
N GLU C 308 -2.88 -29.99 50.61
CA GLU C 308 -4.26 -30.45 50.46
C GLU C 308 -5.02 -29.57 49.48
N LEU C 309 -4.69 -28.28 49.42
CA LEU C 309 -5.34 -27.37 48.47
C LEU C 309 -5.03 -27.88 47.07
N LEU C 310 -3.76 -28.22 46.85
CA LEU C 310 -3.34 -28.75 45.55
C LEU C 310 -3.99 -30.10 45.30
N ARG C 311 -4.11 -30.90 46.34
CA ARG C 311 -4.73 -32.22 46.23
C ARG C 311 -6.15 -32.02 45.69
N ARG C 312 -6.86 -31.06 46.25
CA ARG C 312 -8.24 -30.81 45.81
C ARG C 312 -8.37 -30.24 44.40
N LEU C 313 -7.50 -29.29 44.05
CA LEU C 313 -7.57 -28.71 42.71
C LEU C 313 -7.38 -29.76 41.63
N VAL C 314 -6.39 -30.63 41.82
CA VAL C 314 -6.12 -31.70 40.86
C VAL C 314 -7.33 -32.62 40.72
N GLU C 315 -7.91 -33.02 41.85
CA GLU C 315 -9.06 -33.92 41.83
C GLU C 315 -10.35 -33.28 41.30
N LEU C 316 -10.50 -31.97 41.51
CA LEU C 316 -11.69 -31.28 41.01
C LEU C 316 -11.69 -31.35 39.49
N ALA C 317 -10.49 -31.33 38.90
CA ALA C 317 -10.33 -31.38 37.45
C ALA C 317 -10.87 -32.66 36.83
N LEU C 318 -10.91 -33.74 37.62
CA LEU C 318 -11.40 -35.02 37.14
C LEU C 318 -12.92 -35.07 37.23
N THR C 319 -13.45 -34.14 38.02
CA THR C 319 -14.86 -33.93 38.31
C THR C 319 -15.57 -35.01 39.13
#